data_8SMC
#
_entry.id   8SMC
#
_cell.length_a   1.00
_cell.length_b   1.00
_cell.length_c   1.00
_cell.angle_alpha   90.00
_cell.angle_beta   90.00
_cell.angle_gamma   90.00
#
_symmetry.space_group_name_H-M   'P 1'
#
loop_
_entity.id
_entity.type
_entity.pdbx_description
1 polymer 'non-specific serine/threonine protein kinase'
2 non-polymer "GUANOSINE-5'-DIPHOSPHATE"
3 non-polymer 2-methyl-2-(3-methyl-4-{[4-(methylamino)-5-(trifluoromethyl)pyrimidin-2-yl]amino}-1H-pyrazol-1-yl)propanenitrile
#
_entity_poly.entity_id   1
_entity_poly.type   'polypeptide(L)'
_entity_poly.pdbx_seq_one_letter_code
;KKAVPYNRMKLMIVGNTGSGKTTLLQQLMKTKKSDLGMQSATVGIDVKDWPIQIRDKRKRDLVLNVWDFAGREEFYSTHP
HFMTQRALYLAVYDLSKGQAEVDAMKPWLFNIKARASSSPVILVGTHLDVSDEKQRKACMSKITKELLNKRGFPAIRDYH
FVNATEESDALAKLRKTIINESLNFKIRDQLVVGQLIPDCYVELEKIILSERKNVPIEFPVIDRKRLLQLVRENQLQLDE
NELPHAVHFLNESGVLLHFQDPALQLSDLYFVEPKWLCKIMAQILTVKVEGCPKHPKGIISRRDVEKFLSKKRKFPKNYM
TQYFKLLEKFQIALPIGEEYLLVPSSLSDHRPVIELPHCENSEIIIRLYEMPYFPMGFWSRLINRLLEISPYMLSGRERA
LRPNRRYWRQGIYLNWSPEAYCLVGSEVLDNHPESFLKITVPSCRKGCILLGQVVDHIDSLMEEWFPGLLEIDICGEGET
LLKKWALYSFNDGEEHQKILLDDLMKKAEEGDLLVNPDQPRLTIPISQIAPDLILADLPRNIMLNNDELEFEQAPEFLLG
DGSFGSVYRAAYEGEEVAVKIFNKHTSLRLLRQELVVLCHLHHPSLISLLAAGIRPRMLVMELASKGSLDRLLQQDKASL
TRTLQHRIALHVADGLRYLHSAMIIYRDLKPHNVLLFTLYPNAAIIAKIADYGIAQYCCRMGIKTSEGTPGFRAPEVARG
NVIYNQQADVYSFGLLLYDILTTGGRIVEGLKFPNEFDELEIQGKLPDPVKEYGCAPWPMVEKLIKQCLKENPQERPTSA
QVFDILNSAELVCLTRRILLPKNVIVECMVATHHNSRNASIWLGCGHTDRGQLSFLDLNTEGYTSEEVADSRILCLALVH
LPVEKESWIVSGTQSGTLLVINTEDGKKRHTLEKMTDSVTCLYCNSFSKQSKQKNFLLVGTADGKLAIFEDKTVKLKGAA
PLKILNIGNVSTPLMCLSESTNSTERNVMWGGCGTKIFSFSNDFTIQKLIETRTSQLFSYAAFSDSNIITVVVDTALYIA
KQNSPVVEVWDKKTEKLCGLIDCVHFLREVTVKENKESKHKTSYSGRVKTLCLQKNTALWIGTGGGHILLLDLSTRRLIR
VIYNFCNSVRVMMTAQLGSLKNVMLVLGYNRKNTEGTQKQKEIQSCLTVWDINLPHEVQNLEKHIEVRKELAEKMRRTSV
E
;
_entity_poly.pdbx_strand_id   C
#
loop_
_chem_comp.id
_chem_comp.type
_chem_comp.name
_chem_comp.formula
GDP RNA linking GUANOSINE-5'-DIPHOSPHATE 'C10 H15 N5 O11 P2'
TVT non-polymer 2-methyl-2-(3-methyl-4-{[4-(methylamino)-5-(trifluoromethyl)pyrimidin-2-yl]amino}-1H-pyrazol-1-yl)propanenitrile 'C14 H16 F3 N7'
#
# COMPACT_ATOMS: atom_id res chain seq x y z
N ALA A 3 8.85 40.90 -5.51
CA ALA A 3 9.41 41.22 -4.21
C ALA A 3 8.56 42.28 -3.51
N VAL A 4 7.25 42.25 -3.77
CA VAL A 4 6.33 43.21 -3.18
C VAL A 4 6.05 42.81 -1.74
N PRO A 5 5.91 43.74 -0.80
CA PRO A 5 5.59 43.39 0.58
C PRO A 5 4.10 43.08 0.74
N TYR A 6 3.78 41.81 0.89
CA TYR A 6 2.40 41.35 0.98
C TYR A 6 2.04 41.28 2.45
N ASN A 7 1.31 42.29 2.93
CA ASN A 7 0.99 42.44 4.35
C ASN A 7 -0.42 41.90 4.59
N ARG A 8 -0.50 40.62 4.95
CA ARG A 8 -1.78 40.02 5.30
C ARG A 8 -1.55 38.90 6.31
N MET A 9 -2.35 38.88 7.37
CA MET A 9 -2.22 37.88 8.42
C MET A 9 -3.55 37.81 9.18
N LYS A 10 -3.87 36.62 9.66
CA LYS A 10 -5.13 36.42 10.36
C LYS A 10 -5.06 36.99 11.77
N LEU A 11 -6.19 37.52 12.23
CA LEU A 11 -6.32 38.08 13.57
C LEU A 11 -7.50 37.43 14.29
N MET A 12 -7.52 36.09 14.32
CA MET A 12 -8.67 35.34 14.82
C MET A 12 -8.98 35.71 16.27
N ILE A 13 -10.11 36.39 16.47
CA ILE A 13 -10.49 36.93 17.78
C ILE A 13 -11.25 35.82 18.51
N VAL A 14 -10.49 34.96 19.18
CA VAL A 14 -11.04 33.75 19.79
C VAL A 14 -11.69 34.13 21.11
N GLY A 15 -13.00 34.38 21.08
CA GLY A 15 -13.73 34.80 22.25
C GLY A 15 -14.73 33.81 22.83
N ASN A 16 -14.52 33.41 24.09
CA ASN A 16 -15.47 32.60 24.84
C ASN A 16 -16.89 33.18 24.73
N THR A 17 -17.88 32.28 24.72
CA THR A 17 -19.26 32.64 24.44
C THR A 17 -19.80 33.70 25.40
N GLY A 18 -20.75 34.48 24.91
CA GLY A 18 -21.48 35.43 25.74
C GLY A 18 -20.76 36.72 26.05
N SER A 19 -19.42 36.65 26.13
CA SER A 19 -18.62 37.79 26.55
C SER A 19 -18.61 38.94 25.56
N GLY A 20 -19.14 38.76 24.36
CA GLY A 20 -19.22 39.83 23.40
C GLY A 20 -18.12 39.86 22.36
N LYS A 21 -17.55 38.70 22.02
CA LYS A 21 -16.43 38.61 21.08
C LYS A 21 -16.71 39.29 19.74
N THR A 22 -17.98 39.37 19.34
CA THR A 22 -18.33 39.97 18.06
C THR A 22 -18.52 41.48 18.17
N THR A 23 -19.26 41.93 19.19
CA THR A 23 -19.60 43.35 19.31
C THR A 23 -18.36 44.23 19.48
N LEU A 24 -17.30 43.69 20.08
CA LEU A 24 -16.06 44.45 20.21
C LEU A 24 -15.50 44.84 18.85
N LEU A 25 -15.32 43.84 17.97
CA LEU A 25 -14.81 44.16 16.64
C LEU A 25 -15.86 44.88 15.79
N GLN A 26 -17.14 44.72 16.13
CA GLN A 26 -18.18 45.50 15.46
C GLN A 26 -18.02 46.99 15.75
N GLN A 27 -17.72 47.34 17.00
CA GLN A 27 -17.48 48.72 17.38
C GLN A 27 -16.03 49.15 17.12
N LEU A 28 -15.18 48.23 16.68
CA LEU A 28 -13.83 48.57 16.25
C LEU A 28 -13.80 48.93 14.77
N MET A 29 -14.33 48.05 13.91
CA MET A 29 -14.27 48.28 12.47
C MET A 29 -15.19 49.42 12.05
N LYS A 30 -16.48 49.26 12.28
CA LYS A 30 -17.47 50.24 11.84
C LYS A 30 -17.69 51.31 12.92
N GLN A 39 -24.89 40.67 16.38
CA GLN A 39 -25.88 39.65 16.05
C GLN A 39 -26.50 39.06 17.31
N SER A 40 -26.89 37.79 17.24
CA SER A 40 -27.44 37.06 18.37
C SER A 40 -26.54 35.93 18.83
N ALA A 41 -26.16 35.03 17.92
CA ALA A 41 -25.24 33.95 18.26
C ALA A 41 -24.58 33.52 16.95
N THR A 42 -23.33 33.93 16.76
CA THR A 42 -22.64 33.72 15.50
C THR A 42 -22.29 32.25 15.31
N VAL A 43 -23.17 31.51 14.63
CA VAL A 43 -22.97 30.08 14.45
C VAL A 43 -21.71 29.84 13.62
N GLY A 44 -20.79 29.07 14.18
CA GLY A 44 -19.51 28.79 13.55
C GLY A 44 -18.66 30.04 13.33
N ILE A 45 -17.57 29.82 12.58
CA ILE A 45 -16.66 30.91 12.25
C ILE A 45 -17.31 31.83 11.24
N ASP A 46 -17.01 33.13 11.34
CA ASP A 46 -17.55 34.14 10.43
C ASP A 46 -16.42 35.08 10.06
N VAL A 47 -15.84 34.87 8.89
CA VAL A 47 -14.64 35.60 8.46
C VAL A 47 -15.08 36.87 7.73
N LYS A 48 -14.97 38.00 8.41
CA LYS A 48 -15.09 39.30 7.78
C LYS A 48 -13.77 39.67 7.12
N ASP A 49 -13.63 40.94 6.71
CA ASP A 49 -12.37 41.43 6.16
C ASP A 49 -12.14 42.84 6.70
N TRP A 50 -10.87 43.23 6.78
CA TRP A 50 -10.56 44.49 7.44
C TRP A 50 -9.18 45.00 7.02
N PRO A 51 -9.10 46.20 6.46
CA PRO A 51 -7.81 46.78 6.07
C PRO A 51 -7.24 47.68 7.15
N ILE A 52 -6.01 48.14 6.90
CA ILE A 52 -5.31 49.09 7.76
C ILE A 52 -4.59 50.10 6.88
N GLN A 53 -4.74 51.38 7.21
CA GLN A 53 -3.94 52.46 6.62
C GLN A 53 -3.30 53.21 7.79
N ILE A 54 -2.06 52.83 8.12
CA ILE A 54 -1.37 53.36 9.30
C ILE A 54 -1.04 54.83 9.12
N ARG A 55 -0.66 55.49 10.23
CA ARG A 55 -0.29 56.91 10.20
C ARG A 55 0.84 57.16 9.20
N ASP A 56 1.93 56.40 9.34
CA ASP A 56 3.03 56.46 8.39
C ASP A 56 2.58 55.79 7.10
N LYS A 57 2.25 56.62 6.09
CA LYS A 57 1.75 56.12 4.81
C LYS A 57 2.72 55.16 4.12
N ARG A 58 4.02 55.26 4.41
CA ARG A 58 4.98 54.31 3.84
C ARG A 58 4.71 52.88 4.32
N LYS A 59 4.12 52.73 5.51
CA LYS A 59 3.68 51.41 5.97
C LYS A 59 2.50 50.95 5.12
N ARG A 60 2.71 49.88 4.35
CA ARG A 60 1.74 49.43 3.37
C ARG A 60 0.47 48.93 4.05
N ASP A 61 -0.54 48.63 3.24
CA ASP A 61 -1.84 48.21 3.75
C ASP A 61 -1.73 46.90 4.52
N LEU A 62 -2.05 46.95 5.81
CA LEU A 62 -2.01 45.77 6.67
C LEU A 62 -3.41 45.15 6.78
N VAL A 63 -3.85 44.56 5.67
CA VAL A 63 -5.17 43.94 5.64
C VAL A 63 -5.14 42.64 6.45
N LEU A 64 -6.20 42.39 7.20
CA LEU A 64 -6.22 41.29 8.16
C LEU A 64 -7.52 40.50 8.03
N ASN A 65 -7.42 39.23 7.67
CA ASN A 65 -8.56 38.33 7.55
C ASN A 65 -9.02 37.92 8.94
N VAL A 66 -9.78 38.82 9.58
CA VAL A 66 -10.35 38.54 10.90
C VAL A 66 -11.18 37.27 10.85
N TRP A 67 -11.02 36.42 11.87
CA TRP A 67 -11.88 35.25 12.06
C TRP A 67 -12.57 35.39 13.41
N ASP A 68 -13.90 35.45 13.40
CA ASP A 68 -14.70 35.73 14.59
C ASP A 68 -15.32 34.43 15.08
N PHE A 69 -14.58 33.72 15.94
CA PHE A 69 -14.97 32.39 16.38
C PHE A 69 -16.21 32.46 17.29
N ALA A 70 -16.67 31.29 17.75
CA ALA A 70 -17.82 31.19 18.62
C ALA A 70 -17.46 30.35 19.85
N GLY A 71 -18.38 30.30 20.81
CA GLY A 71 -18.09 29.71 22.09
C GLY A 71 -18.97 28.56 22.55
N ARG A 72 -20.04 28.28 21.82
CA ARG A 72 -20.91 27.16 22.16
C ARG A 72 -20.18 25.84 21.93
N GLU A 73 -20.13 25.01 22.99
CA GLU A 73 -19.21 23.87 23.11
C GLU A 73 -19.13 22.99 21.86
N GLU A 74 -20.22 22.84 21.11
CA GLU A 74 -20.15 22.14 19.83
C GLU A 74 -19.12 22.78 18.91
N PHE A 75 -19.15 24.11 18.83
CA PHE A 75 -18.14 24.80 18.03
C PHE A 75 -16.76 24.78 18.70
N TYR A 76 -16.72 24.72 20.05
CA TYR A 76 -15.47 24.40 20.74
C TYR A 76 -14.85 23.14 20.17
N SER A 77 -15.67 22.10 19.96
CA SER A 77 -15.13 20.84 19.48
C SER A 77 -14.76 20.91 18.00
N THR A 78 -15.54 21.63 17.20
CA THR A 78 -15.24 21.63 15.76
C THR A 78 -14.17 22.65 15.36
N HIS A 79 -13.79 23.56 16.26
CA HIS A 79 -12.86 24.63 15.92
C HIS A 79 -11.38 24.27 15.68
N PRO A 80 -10.72 23.42 16.52
CA PRO A 80 -9.26 23.52 16.65
C PRO A 80 -8.44 23.09 15.45
N HIS A 81 -9.06 22.89 14.28
CA HIS A 81 -8.31 22.61 13.07
C HIS A 81 -8.04 23.86 12.24
N PHE A 82 -8.63 25.00 12.60
CA PHE A 82 -8.43 26.25 11.89
C PHE A 82 -7.65 27.27 12.72
N MET A 83 -6.96 26.82 13.75
CA MET A 83 -6.05 27.67 14.53
C MET A 83 -4.61 27.42 14.08
N THR A 84 -4.29 27.94 12.90
CA THR A 84 -2.97 27.73 12.32
C THR A 84 -2.00 28.81 12.80
N GLN A 85 -0.77 28.73 12.31
CA GLN A 85 0.25 29.73 12.63
C GLN A 85 0.04 30.96 11.76
N ARG A 86 1.01 31.88 11.81
CA ARG A 86 0.97 33.16 11.10
C ARG A 86 -0.32 33.92 11.42
N ALA A 87 -0.49 34.22 12.71
CA ALA A 87 -1.76 34.73 13.20
C ALA A 87 -1.55 35.40 14.55
N LEU A 88 -2.10 36.60 14.70
CA LEU A 88 -2.00 37.38 15.94
C LEU A 88 -3.33 37.29 16.67
N TYR A 89 -3.41 36.38 17.64
CA TYR A 89 -4.68 36.06 18.28
C TYR A 89 -5.14 37.20 19.19
N LEU A 90 -6.34 37.03 19.75
CA LEU A 90 -6.86 37.85 20.83
C LEU A 90 -7.44 36.97 21.93
N ALA A 91 -8.14 37.58 22.88
CA ALA A 91 -8.97 36.86 23.85
C ALA A 91 -9.86 37.87 24.54
N VAL A 92 -11.09 37.47 24.84
CA VAL A 92 -12.11 38.35 25.41
C VAL A 92 -12.73 37.64 26.61
N TYR A 93 -13.09 38.42 27.63
CA TYR A 93 -13.69 37.87 28.84
C TYR A 93 -14.35 38.99 29.62
N ASP A 94 -15.59 38.76 30.04
CA ASP A 94 -16.35 39.74 30.80
C ASP A 94 -15.66 40.04 32.15
N LEU A 95 -15.97 41.20 32.70
CA LEU A 95 -15.48 41.59 34.02
C LEU A 95 -16.58 41.68 35.07
N SER A 96 -17.84 41.74 34.66
CA SER A 96 -18.94 41.67 35.62
C SER A 96 -18.94 40.35 36.37
N LYS A 97 -18.59 39.26 35.68
CA LYS A 97 -18.40 37.97 36.32
C LYS A 97 -17.05 37.85 37.02
N GLY A 98 -16.20 38.86 36.92
CA GLY A 98 -14.92 38.89 37.60
C GLY A 98 -14.00 37.77 37.17
N GLN A 99 -13.17 37.31 38.12
CA GLN A 99 -12.18 36.26 37.88
C GLN A 99 -12.80 34.94 37.40
N ALA A 100 -14.11 34.76 37.53
CA ALA A 100 -14.75 33.54 37.03
C ALA A 100 -14.55 33.39 35.53
N GLU A 101 -14.69 34.48 34.78
CA GLU A 101 -14.47 34.41 33.33
C GLU A 101 -13.00 34.18 33.01
N VAL A 102 -12.09 34.68 33.84
CA VAL A 102 -10.67 34.39 33.66
C VAL A 102 -10.41 32.89 33.84
N ASP A 103 -11.00 32.30 34.89
CA ASP A 103 -10.90 30.87 35.10
C ASP A 103 -11.49 30.09 33.92
N ALA A 104 -12.63 30.55 33.41
CA ALA A 104 -13.27 29.86 32.29
C ALA A 104 -12.46 29.98 31.01
N MET A 105 -11.75 31.09 30.82
CA MET A 105 -10.89 31.28 29.66
C MET A 105 -9.52 30.64 29.81
N LYS A 106 -9.14 30.24 31.03
CA LYS A 106 -7.86 29.56 31.23
C LYS A 106 -7.71 28.30 30.38
N PRO A 107 -8.69 27.37 30.31
CA PRO A 107 -8.51 26.25 29.38
C PRO A 107 -8.39 26.68 27.94
N TRP A 108 -9.06 27.76 27.56
CA TRP A 108 -8.97 28.27 26.19
C TRP A 108 -7.56 28.80 25.91
N LEU A 109 -6.97 29.55 26.84
CA LEU A 109 -5.61 30.01 26.67
C LEU A 109 -4.63 28.84 26.62
N PHE A 110 -4.87 27.80 27.42
CA PHE A 110 -4.06 26.59 27.34
C PHE A 110 -4.16 25.95 25.96
N ASN A 111 -5.38 25.84 25.43
CA ASN A 111 -5.58 25.35 24.07
C ASN A 111 -4.80 26.19 23.06
N ILE A 112 -4.80 27.51 23.25
CA ILE A 112 -4.06 28.40 22.35
C ILE A 112 -2.58 28.05 22.38
N LYS A 113 -1.97 28.07 23.57
CA LYS A 113 -0.54 27.80 23.70
C LYS A 113 -0.18 26.37 23.32
N ALA A 114 -1.16 25.46 23.28
CA ALA A 114 -0.89 24.09 22.84
C ALA A 114 -0.92 23.99 21.32
N ARG A 115 -1.94 24.57 20.68
CA ARG A 115 -2.10 24.40 19.25
C ARG A 115 -1.11 25.27 18.46
N ALA A 116 -0.99 26.54 18.82
CA ALA A 116 -0.11 27.48 18.14
C ALA A 116 0.91 28.00 19.13
N SER A 117 2.19 27.87 18.80
CA SER A 117 3.28 28.26 19.68
C SER A 117 3.99 29.54 19.27
N SER A 118 4.02 29.86 17.97
CA SER A 118 4.71 31.05 17.47
C SER A 118 3.77 32.22 17.24
N SER A 119 2.73 32.35 18.08
CA SER A 119 1.70 33.36 17.87
C SER A 119 1.53 34.17 19.15
N PRO A 120 1.80 35.48 19.11
CA PRO A 120 1.49 36.32 20.29
C PRO A 120 0.01 36.29 20.59
N VAL A 121 -0.33 36.51 21.87
CA VAL A 121 -1.70 36.47 22.34
C VAL A 121 -1.93 37.70 23.21
N ILE A 122 -2.50 38.75 22.62
CA ILE A 122 -2.99 39.88 23.39
C ILE A 122 -4.23 39.41 24.15
N LEU A 123 -4.70 40.19 25.12
CA LEU A 123 -5.97 39.92 25.75
C LEU A 123 -6.63 41.24 26.11
N VAL A 124 -7.96 41.23 26.13
CA VAL A 124 -8.76 42.44 26.35
C VAL A 124 -9.94 42.03 27.22
N GLY A 125 -10.41 42.95 28.05
CA GLY A 125 -11.66 42.79 28.75
C GLY A 125 -12.84 43.22 27.89
N THR A 126 -13.94 43.55 28.55
CA THR A 126 -15.12 44.09 27.89
C THR A 126 -16.09 44.59 28.96
N HIS A 127 -17.04 45.42 28.51
CA HIS A 127 -18.09 46.00 29.35
C HIS A 127 -17.50 46.78 30.53
N LEU A 128 -16.77 47.85 30.19
CA LEU A 128 -16.26 48.76 31.21
C LEU A 128 -17.36 49.48 31.98
N ASP A 129 -18.62 49.40 31.54
CA ASP A 129 -19.70 50.05 32.28
C ASP A 129 -19.96 49.38 33.63
N VAL A 130 -19.69 48.09 33.74
CA VAL A 130 -19.90 47.37 34.99
C VAL A 130 -18.64 46.61 35.38
N SER A 131 -17.50 47.05 34.85
CA SER A 131 -16.23 46.37 35.10
C SER A 131 -15.74 46.67 36.50
N ASP A 132 -15.77 45.65 37.37
CA ASP A 132 -15.20 45.75 38.71
C ASP A 132 -13.77 45.23 38.71
N GLU A 133 -12.92 45.95 37.96
CA GLU A 133 -11.55 45.51 37.70
C GLU A 133 -10.75 45.29 38.99
N LYS A 134 -11.10 45.99 40.07
CA LYS A 134 -10.40 45.79 41.33
C LYS A 134 -10.56 44.37 41.88
N GLN A 135 -11.58 43.64 41.44
CA GLN A 135 -11.80 42.28 41.91
C GLN A 135 -10.84 41.31 41.25
N ARG A 136 -10.83 41.26 39.92
CA ARG A 136 -10.08 40.28 39.15
C ARG A 136 -8.71 40.77 38.70
N LYS A 137 -8.33 42.01 39.05
CA LYS A 137 -7.04 42.54 38.65
C LYS A 137 -5.90 41.73 39.24
N ALA A 138 -6.02 41.34 40.52
CA ALA A 138 -4.97 40.56 41.17
C ALA A 138 -4.78 39.21 40.48
N CYS A 139 -5.89 38.51 40.21
CA CYS A 139 -5.80 37.21 39.55
C CYS A 139 -5.24 37.37 38.14
N MET A 140 -5.69 38.39 37.40
CA MET A 140 -5.19 38.62 36.04
C MET A 140 -3.70 38.90 36.03
N SER A 141 -3.20 39.61 37.06
CA SER A 141 -1.77 39.83 37.16
C SER A 141 -1.04 38.55 37.53
N LYS A 142 -1.67 37.71 38.36
CA LYS A 142 -1.07 36.44 38.76
C LYS A 142 -1.12 35.38 37.67
N ILE A 143 -1.88 35.63 36.58
CA ILE A 143 -2.00 34.65 35.51
C ILE A 143 -0.64 34.34 34.90
N THR A 144 0.03 35.39 34.39
CA THR A 144 1.31 35.23 33.70
C THR A 144 2.41 34.67 34.61
N GLY A 152 0.92 24.96 29.76
CA GLY A 152 1.41 26.27 30.14
C GLY A 152 0.81 27.40 29.32
N PHE A 153 0.68 28.58 29.95
CA PHE A 153 0.07 29.74 29.33
C PHE A 153 0.83 30.15 28.07
N PRO A 154 0.23 30.97 27.22
CA PRO A 154 0.99 31.63 26.15
C PRO A 154 1.50 33.00 26.58
N ALA A 155 2.35 33.57 25.72
CA ALA A 155 3.07 34.80 26.04
C ALA A 155 2.11 35.99 25.97
N ILE A 156 1.40 36.23 27.08
CA ILE A 156 0.48 37.35 27.16
C ILE A 156 1.27 38.65 27.06
N ARG A 157 0.86 39.53 26.15
CA ARG A 157 1.65 40.72 25.84
C ARG A 157 0.98 42.04 26.18
N ASP A 158 -0.24 42.03 26.71
CA ASP A 158 -0.95 43.27 27.02
C ASP A 158 -2.22 42.94 27.79
N TYR A 159 -2.90 44.00 28.25
CA TYR A 159 -4.19 43.89 28.90
C TYR A 159 -4.85 45.26 28.84
N HIS A 160 -5.96 45.36 28.11
CA HIS A 160 -6.59 46.64 27.79
C HIS A 160 -8.10 46.58 28.01
N PHE A 161 -8.51 46.10 29.19
CA PHE A 161 -9.92 46.02 29.56
C PHE A 161 -10.66 47.33 29.30
N VAL A 162 -11.59 47.32 28.35
CA VAL A 162 -12.23 48.52 27.83
C VAL A 162 -13.73 48.29 27.72
N ASN A 163 -14.43 49.31 27.24
CA ASN A 163 -15.86 49.21 27.00
C ASN A 163 -16.14 48.35 25.77
N ALA A 164 -17.41 48.24 25.42
CA ALA A 164 -17.85 47.40 24.32
C ALA A 164 -18.51 48.16 23.19
N THR A 165 -19.39 49.10 23.49
CA THR A 165 -20.10 49.85 22.46
C THR A 165 -19.55 51.26 22.26
N GLU A 166 -19.16 51.94 23.33
CA GLU A 166 -18.57 53.27 23.26
C GLU A 166 -17.05 53.10 23.30
N GLU A 167 -16.41 53.07 22.13
CA GLU A 167 -14.98 52.80 22.03
C GLU A 167 -14.22 54.10 22.25
N SER A 168 -13.97 54.42 23.52
CA SER A 168 -13.22 55.62 23.89
C SER A 168 -11.85 55.31 24.46
N ASP A 169 -11.61 54.08 24.92
CA ASP A 169 -10.31 53.69 25.43
C ASP A 169 -9.31 53.51 24.28
N ALA A 170 -8.10 53.08 24.64
CA ALA A 170 -7.03 52.91 23.68
C ALA A 170 -7.36 51.74 22.75
N LEU A 171 -7.79 52.05 21.54
CA LEU A 171 -8.09 51.06 20.52
C LEU A 171 -7.21 51.29 19.30
N ALA A 172 -7.43 50.48 18.26
CA ALA A 172 -6.59 50.39 17.06
C ALA A 172 -5.15 49.99 17.37
N LYS A 173 -4.86 49.59 18.61
CA LYS A 173 -3.52 49.16 19.01
C LYS A 173 -3.10 47.87 18.31
N LEU A 174 -4.03 47.14 17.71
CA LEU A 174 -3.66 45.96 16.93
C LEU A 174 -2.71 46.32 15.79
N ARG A 175 -2.94 47.46 15.14
CA ARG A 175 -2.02 47.92 14.09
C ARG A 175 -0.63 48.16 14.66
N LYS A 176 -0.54 49.00 15.69
CA LYS A 176 0.73 49.29 16.36
C LYS A 176 1.37 48.05 16.97
N THR A 177 0.64 46.94 17.05
CA THR A 177 1.18 45.69 17.56
C THR A 177 1.32 44.61 16.49
N ILE A 178 1.07 44.94 15.22
CA ILE A 178 1.32 44.01 14.12
C ILE A 178 2.35 44.57 13.13
N ILE A 179 2.20 45.84 12.73
CA ILE A 179 3.15 46.43 11.79
C ILE A 179 4.53 46.56 12.45
N ASN A 180 4.58 46.89 13.73
CA ASN A 180 5.83 46.86 14.47
C ASN A 180 6.29 45.44 14.81
N GLU A 181 5.42 44.45 14.68
CA GLU A 181 5.80 43.05 14.86
C GLU A 181 6.17 42.39 13.53
N SER A 182 7.06 43.03 12.78
CA SER A 182 7.65 42.39 11.61
C SER A 182 8.69 41.37 12.01
N LEU A 183 9.67 41.77 12.83
CA LEU A 183 10.60 40.83 13.45
C LEU A 183 10.22 40.46 14.88
N ASN A 184 9.38 41.25 15.54
CA ASN A 184 8.84 40.86 16.83
C ASN A 184 7.78 39.77 16.71
N PHE A 185 7.16 39.64 15.54
CA PHE A 185 6.39 38.45 15.17
C PHE A 185 6.92 37.99 13.81
N LYS A 186 7.82 37.02 13.84
CA LYS A 186 8.49 36.53 12.65
C LYS A 186 8.37 35.01 12.59
N ILE A 187 8.02 34.49 11.43
CA ILE A 187 7.97 33.04 11.22
C ILE A 187 9.39 32.54 10.97
N ARG A 188 10.07 32.15 12.04
CA ARG A 188 11.47 31.71 12.01
C ARG A 188 12.38 32.81 11.44
N ASP A 189 12.33 33.97 12.08
CA ASP A 189 13.16 35.15 11.84
C ASP A 189 12.91 35.81 10.49
N GLN A 190 11.96 35.31 9.69
CA GLN A 190 11.68 35.86 8.37
C GLN A 190 10.79 37.10 8.52
N LEU A 191 10.24 37.58 7.40
CA LEU A 191 9.36 38.74 7.39
C LEU A 191 7.93 38.27 7.19
N VAL A 192 7.04 38.66 8.10
CA VAL A 192 5.63 38.27 8.00
C VAL A 192 4.84 39.38 7.32
N VAL A 193 4.86 40.58 7.92
CA VAL A 193 4.07 41.69 7.41
C VAL A 193 4.82 42.45 6.31
N GLY A 194 6.09 42.12 6.10
CA GLY A 194 6.90 42.79 5.09
C GLY A 194 7.59 41.79 4.19
N GLN A 195 6.95 40.65 3.99
CA GLN A 195 7.49 39.57 3.15
C GLN A 195 7.54 40.01 1.70
N LEU A 196 8.75 40.18 1.17
CA LEU A 196 8.95 40.56 -0.24
C LEU A 196 8.70 39.34 -1.10
N ILE A 197 7.45 39.14 -1.50
CA ILE A 197 7.02 37.95 -2.22
C ILE A 197 7.02 38.25 -3.72
N PRO A 198 7.51 37.33 -4.56
CA PRO A 198 7.52 37.58 -6.01
C PRO A 198 6.14 37.75 -6.61
N ASP A 199 6.13 38.17 -7.87
CA ASP A 199 4.88 38.50 -8.55
C ASP A 199 4.04 37.28 -8.89
N CYS A 200 4.67 36.11 -9.02
CA CYS A 200 3.92 34.89 -9.31
C CYS A 200 2.86 34.60 -8.25
N TYR A 201 3.23 34.77 -6.98
CA TYR A 201 2.31 34.44 -5.90
C TYR A 201 1.11 35.37 -5.89
N VAL A 202 1.34 36.68 -6.04
CA VAL A 202 0.22 37.61 -6.06
C VAL A 202 -0.61 37.42 -7.33
N GLU A 203 0.01 36.95 -8.41
CA GLU A 203 -0.73 36.61 -9.61
C GLU A 203 -1.70 35.46 -9.35
N LEU A 204 -1.21 34.38 -8.73
CA LEU A 204 -2.10 33.27 -8.36
C LEU A 204 -3.21 33.74 -7.41
N GLU A 205 -2.84 34.58 -6.43
CA GLU A 205 -3.84 35.09 -5.49
C GLU A 205 -4.93 35.86 -6.21
N LYS A 206 -4.54 36.75 -7.13
CA LYS A 206 -5.51 37.56 -7.86
C LYS A 206 -6.40 36.69 -8.75
N ILE A 207 -5.81 35.71 -9.44
CA ILE A 207 -6.63 34.92 -10.36
C ILE A 207 -7.60 34.04 -9.58
N ILE A 208 -7.20 33.54 -8.41
CA ILE A 208 -8.12 32.77 -7.58
C ILE A 208 -9.22 33.67 -7.01
N LEU A 209 -8.85 34.87 -6.54
CA LEU A 209 -9.85 35.81 -6.04
C LEU A 209 -10.84 36.24 -7.11
N SER A 210 -10.42 36.22 -8.38
CA SER A 210 -11.35 36.52 -9.46
C SER A 210 -12.22 35.30 -9.81
N GLU A 211 -11.62 34.10 -9.80
CA GLU A 211 -12.38 32.91 -10.17
C GLU A 211 -13.28 32.42 -9.06
N ARG A 212 -13.18 32.98 -7.84
CA ARG A 212 -14.09 32.64 -6.75
C ARG A 212 -15.55 32.83 -7.11
N LYS A 213 -15.86 33.61 -8.15
CA LYS A 213 -17.24 33.93 -8.49
C LYS A 213 -17.90 32.82 -9.28
N ASN A 214 -17.31 32.45 -10.42
CA ASN A 214 -17.96 31.54 -11.37
C ASN A 214 -18.19 30.16 -10.77
N VAL A 215 -17.33 29.73 -9.86
CA VAL A 215 -17.48 28.41 -9.23
C VAL A 215 -18.77 28.40 -8.42
N PRO A 216 -19.55 27.30 -8.41
CA PRO A 216 -20.80 27.26 -7.66
C PRO A 216 -20.68 27.72 -6.21
N ILE A 217 -21.80 28.20 -5.66
CA ILE A 217 -21.77 28.87 -4.36
C ILE A 217 -22.22 27.95 -3.22
N GLU A 218 -22.95 26.88 -3.52
CA GLU A 218 -23.39 25.97 -2.47
C GLU A 218 -22.34 24.94 -2.09
N PHE A 219 -21.38 24.66 -2.98
CA PHE A 219 -20.27 23.76 -2.67
C PHE A 219 -19.08 24.14 -3.55
N PRO A 220 -18.39 25.22 -3.20
CA PRO A 220 -17.31 25.72 -4.06
C PRO A 220 -16.05 24.89 -3.94
N VAL A 221 -15.78 24.07 -4.97
CA VAL A 221 -14.60 23.22 -5.02
C VAL A 221 -14.07 23.25 -6.45
N ILE A 222 -12.77 23.04 -6.59
CA ILE A 222 -12.12 22.98 -7.90
C ILE A 222 -11.13 21.82 -7.91
N ASP A 223 -10.79 21.36 -9.11
CA ASP A 223 -9.80 20.32 -9.32
C ASP A 223 -8.47 20.93 -9.71
N ARG A 224 -7.38 20.32 -9.25
CA ARG A 224 -6.04 20.84 -9.52
C ARG A 224 -5.76 20.94 -11.02
N LYS A 225 -6.38 20.07 -11.82
CA LYS A 225 -6.25 20.15 -13.27
C LYS A 225 -6.77 21.49 -13.80
N ARG A 226 -7.88 21.97 -13.22
CA ARG A 226 -8.41 23.28 -13.59
C ARG A 226 -7.41 24.38 -13.26
N LEU A 227 -6.80 24.32 -12.07
CA LEU A 227 -5.82 25.32 -11.67
C LEU A 227 -4.64 25.32 -12.63
N LEU A 228 -4.12 24.14 -12.98
CA LEU A 228 -3.00 24.06 -13.91
C LEU A 228 -3.40 24.60 -15.28
N GLN A 229 -4.60 24.26 -15.76
CA GLN A 229 -5.04 24.70 -17.07
C GLN A 229 -5.21 26.21 -17.12
N LEU A 230 -5.65 26.82 -16.02
CA LEU A 230 -5.83 28.27 -16.05
C LEU A 230 -4.50 29.00 -15.85
N VAL A 231 -3.61 28.44 -15.02
CA VAL A 231 -2.29 29.03 -14.86
C VAL A 231 -1.53 28.99 -16.18
N ARG A 232 -1.69 27.92 -16.95
CA ARG A 232 -1.15 27.90 -18.30
C ARG A 232 -1.88 28.88 -19.21
N GLU A 233 -3.20 28.99 -19.04
CA GLU A 233 -3.99 29.94 -19.84
C GLU A 233 -3.69 31.38 -19.47
N ASN A 234 -3.20 31.64 -18.26
CA ASN A 234 -2.83 32.98 -17.84
C ASN A 234 -1.32 33.20 -17.86
N GLN A 235 -0.54 32.18 -18.22
CA GLN A 235 0.92 32.24 -18.25
C GLN A 235 1.49 32.67 -16.91
N LEU A 236 0.97 32.05 -15.83
CA LEU A 236 1.38 32.36 -14.47
C LEU A 236 2.82 31.98 -14.17
N GLN A 237 3.47 31.23 -15.06
CA GLN A 237 4.86 30.77 -14.89
C GLN A 237 5.01 29.94 -13.62
N LEU A 238 3.98 29.15 -13.31
CA LEU A 238 3.99 28.31 -12.12
C LEU A 238 4.48 26.91 -12.52
N ASP A 239 5.67 26.55 -12.06
CA ASP A 239 6.25 25.26 -12.38
C ASP A 239 5.63 24.17 -11.49
N GLU A 240 5.38 23.00 -12.10
CA GLU A 240 4.72 21.90 -11.40
C GLU A 240 5.50 21.45 -10.17
N ASN A 241 6.83 21.57 -10.20
CA ASN A 241 7.63 21.19 -9.05
C ASN A 241 7.64 22.26 -7.96
N GLU A 242 7.21 23.47 -8.28
CA GLU A 242 7.11 24.55 -7.31
C GLU A 242 5.68 24.97 -7.02
N LEU A 243 4.70 24.41 -7.74
CA LEU A 243 3.29 24.72 -7.49
C LEU A 243 2.83 24.33 -6.09
N PRO A 244 3.08 23.11 -5.56
CA PRO A 244 2.56 22.80 -4.23
C PRO A 244 3.09 23.70 -3.12
N HIS A 245 4.36 24.12 -3.20
CA HIS A 245 4.87 25.07 -2.22
C HIS A 245 4.14 26.40 -2.31
N ALA A 246 3.85 26.85 -3.53
CA ALA A 246 3.11 28.10 -3.72
C ALA A 246 1.71 28.00 -3.13
N VAL A 247 0.99 26.92 -3.45
CA VAL A 247 -0.37 26.79 -2.92
C VAL A 247 -0.34 26.60 -1.41
N HIS A 248 0.74 26.02 -0.87
CA HIS A 248 0.85 25.87 0.57
C HIS A 248 1.04 27.21 1.27
N PHE A 249 1.91 28.06 0.71
CA PHE A 249 2.07 29.41 1.25
C PHE A 249 0.77 30.20 1.13
N LEU A 250 0.09 30.08 -0.02
CA LEU A 250 -1.16 30.79 -0.22
C LEU A 250 -2.22 30.31 0.77
N ASN A 251 -2.22 29.01 1.08
CA ASN A 251 -3.10 28.45 2.10
C ASN A 251 -2.78 29.06 3.46
N GLU A 252 -1.53 28.91 3.91
CA GLU A 252 -1.09 29.47 5.19
C GLU A 252 -1.27 30.98 5.28
N SER A 253 -1.51 31.66 4.15
CA SER A 253 -1.79 33.09 4.19
C SER A 253 -3.21 33.38 4.64
N GLY A 254 -4.16 32.48 4.34
CA GLY A 254 -5.54 32.65 4.78
C GLY A 254 -6.49 33.13 3.71
N VAL A 255 -6.35 32.58 2.50
CA VAL A 255 -7.28 32.86 1.42
C VAL A 255 -7.90 31.60 0.83
N LEU A 256 -7.26 30.44 0.98
CA LEU A 256 -7.84 29.16 0.61
C LEU A 256 -7.29 28.11 1.55
N LEU A 257 -7.90 26.92 1.53
CA LEU A 257 -7.55 25.86 2.46
C LEU A 257 -7.30 24.58 1.66
N HIS A 258 -6.03 24.31 1.39
CA HIS A 258 -5.59 23.08 0.72
C HIS A 258 -5.31 22.03 1.79
N PHE A 259 -6.32 21.26 2.13
CA PHE A 259 -6.14 20.15 3.06
C PHE A 259 -5.38 19.02 2.38
N GLN A 260 -4.05 19.07 2.45
CA GLN A 260 -3.20 18.07 1.81
C GLN A 260 -2.97 16.84 2.67
N ASP A 261 -3.82 16.60 3.67
CA ASP A 261 -3.68 15.50 4.61
C ASP A 261 -4.10 14.18 3.98
N PRO A 262 -3.17 13.26 3.72
CA PRO A 262 -3.54 12.00 3.05
C PRO A 262 -4.47 11.12 3.86
N ALA A 263 -4.54 11.30 5.18
CA ALA A 263 -5.51 10.57 5.99
C ALA A 263 -6.94 11.05 5.76
N LEU A 264 -7.14 12.12 5.01
CA LEU A 264 -8.46 12.65 4.72
C LEU A 264 -8.83 12.56 3.24
N GLN A 265 -7.90 12.14 2.37
CA GLN A 265 -8.10 11.94 0.94
C GLN A 265 -8.44 13.23 0.21
N LEU A 266 -8.16 14.39 0.82
CA LEU A 266 -8.48 15.68 0.23
C LEU A 266 -7.32 16.27 -0.57
N SER A 267 -6.44 15.43 -1.11
CA SER A 267 -5.26 15.90 -1.81
C SER A 267 -5.56 16.40 -3.22
N ASP A 268 -6.70 16.03 -3.80
CA ASP A 268 -7.05 16.44 -5.15
C ASP A 268 -7.98 17.66 -5.16
N LEU A 269 -9.13 17.55 -4.50
CA LEU A 269 -10.10 18.63 -4.47
C LEU A 269 -9.53 19.86 -3.77
N TYR A 270 -9.55 20.99 -4.46
CA TYR A 270 -9.05 22.24 -3.91
C TYR A 270 -10.24 23.14 -3.56
N PHE A 271 -10.07 23.92 -2.49
CA PHE A 271 -11.13 24.80 -2.02
C PHE A 271 -10.77 26.26 -2.28
N VAL A 272 -11.79 27.06 -2.54
CA VAL A 272 -11.60 28.47 -2.89
C VAL A 272 -12.31 29.41 -1.92
N GLU A 273 -13.27 28.93 -1.13
CA GLU A 273 -14.00 29.78 -0.18
C GLU A 273 -13.83 29.22 1.23
N PRO A 274 -12.88 29.74 2.01
CA PRO A 274 -12.80 29.36 3.43
C PRO A 274 -14.03 29.77 4.22
N LYS A 275 -14.73 30.82 3.79
CA LYS A 275 -15.98 31.22 4.43
C LYS A 275 -17.02 30.10 4.41
N TRP A 276 -16.99 29.25 3.38
CA TRP A 276 -18.03 28.23 3.23
C TRP A 276 -17.76 27.04 4.14
N LEU A 277 -16.52 26.53 4.13
CA LEU A 277 -16.14 25.37 4.94
C LEU A 277 -16.50 25.53 6.41
N CYS A 278 -16.53 26.76 6.92
CA CYS A 278 -16.71 26.97 8.35
C CYS A 278 -18.18 26.90 8.73
N LYS A 279 -19.05 27.54 7.96
CA LYS A 279 -20.48 27.56 8.24
C LYS A 279 -21.20 26.36 7.64
N ILE A 280 -20.72 25.16 7.96
CA ILE A 280 -21.44 23.92 7.66
C ILE A 280 -21.84 23.16 8.91
N MET A 281 -21.30 23.52 10.08
CA MET A 281 -21.71 22.87 11.32
C MET A 281 -23.21 23.02 11.55
N ALA A 282 -23.74 24.22 11.36
CA ALA A 282 -25.18 24.42 11.47
C ALA A 282 -25.95 23.59 10.45
N GLN A 283 -25.46 23.57 9.21
CA GLN A 283 -26.11 22.78 8.16
C GLN A 283 -26.15 21.30 8.51
N ILE A 284 -25.17 20.81 9.25
CA ILE A 284 -25.11 19.38 9.55
C ILE A 284 -25.74 19.04 10.90
N LEU A 285 -25.96 20.03 11.78
CA LEU A 285 -26.66 19.77 13.02
C LEU A 285 -28.10 20.30 13.01
N THR A 286 -28.59 20.78 11.86
CA THR A 286 -29.93 21.37 11.81
C THR A 286 -31.02 20.35 12.15
N VAL A 287 -30.76 19.06 11.95
CA VAL A 287 -31.73 18.02 12.24
C VAL A 287 -31.92 17.87 13.75
N ASN A 318 -23.51 15.57 -2.04
CA ASN A 318 -22.81 14.42 -1.50
C ASN A 318 -21.49 14.22 -2.26
N TYR A 319 -20.81 13.11 -1.94
CA TYR A 319 -19.56 12.58 -2.50
C TYR A 319 -18.34 13.32 -1.99
N THR A 321 -19.10 15.93 1.07
CA THR A 321 -19.63 16.29 2.38
C THR A 321 -19.67 15.09 3.32
N GLN A 322 -19.83 13.88 2.78
CA GLN A 322 -19.80 12.66 3.57
C GLN A 322 -18.47 12.43 4.29
N TYR A 323 -17.42 13.17 3.95
CA TYR A 323 -16.16 13.12 4.69
C TYR A 323 -16.10 14.25 5.71
N PHE A 324 -17.01 14.20 6.68
CA PHE A 324 -16.99 15.10 7.83
C PHE A 324 -15.97 14.56 8.83
N LYS A 325 -14.70 14.74 8.48
CA LYS A 325 -13.60 14.39 9.39
C LYS A 325 -13.09 15.66 10.06
N LEU A 326 -13.88 16.13 11.03
CA LEU A 326 -13.56 17.33 11.79
C LEU A 326 -14.06 17.20 13.22
N TYR A 340 -19.11 5.37 13.39
CA TYR A 340 -20.42 5.31 12.75
C TYR A 340 -20.85 6.68 12.25
N LEU A 341 -21.35 7.51 13.16
CA LEU A 341 -21.70 8.90 12.87
C LEU A 341 -20.78 9.83 13.64
N LEU A 342 -20.53 11.00 13.07
CA LEU A 342 -19.53 11.94 13.57
C LEU A 342 -20.13 13.33 13.71
N VAL A 343 -21.27 13.42 14.40
CA VAL A 343 -21.93 14.70 14.66
C VAL A 343 -21.90 15.04 16.15
N PRO A 344 -20.72 15.26 16.74
CA PRO A 344 -20.63 15.42 18.21
C PRO A 344 -21.34 16.66 18.74
N SER A 345 -21.81 17.54 17.87
CA SER A 345 -22.61 18.69 18.31
C SER A 345 -23.89 18.25 19.02
N SER A 346 -24.61 17.28 18.44
CA SER A 346 -25.92 16.93 18.95
C SER A 346 -25.91 16.26 20.32
N LEU A 347 -24.77 15.71 20.75
CA LEU A 347 -24.71 14.94 21.99
C LEU A 347 -25.15 15.77 23.19
N SER A 348 -26.00 15.19 24.03
CA SER A 348 -26.43 15.83 25.26
C SER A 348 -25.25 15.95 26.23
N ASP A 349 -25.38 16.88 27.17
CA ASP A 349 -24.29 17.20 28.07
C ASP A 349 -24.76 17.27 29.51
N HIS A 350 -25.64 16.35 29.89
CA HIS A 350 -25.99 16.15 31.29
C HIS A 350 -25.27 14.93 31.84
N ARG A 351 -25.37 14.75 33.15
CA ARG A 351 -25.00 13.48 33.77
C ARG A 351 -26.21 12.55 33.74
N PRO A 352 -26.23 11.56 32.85
CA PRO A 352 -27.42 10.72 32.67
C PRO A 352 -27.78 9.95 33.93
N VAL A 353 -29.01 9.44 33.94
CA VAL A 353 -29.52 8.66 35.08
C VAL A 353 -29.09 7.21 34.84
N ILE A 354 -27.84 6.92 35.21
CA ILE A 354 -27.28 5.58 35.12
C ILE A 354 -26.53 5.27 36.39
N GLU A 355 -26.88 4.15 37.03
CA GLU A 355 -26.32 3.75 38.30
C GLU A 355 -25.57 2.43 38.13
N LEU A 356 -24.40 2.34 38.73
CA LEU A 356 -23.60 1.13 38.63
C LEU A 356 -24.33 -0.03 39.31
N PRO A 357 -24.23 -1.24 38.76
CA PRO A 357 -24.78 -2.41 39.47
C PRO A 357 -24.02 -2.71 40.76
N HIS A 358 -22.69 -2.80 40.66
CA HIS A 358 -21.84 -3.08 41.81
C HIS A 358 -21.45 -1.75 42.44
N CYS A 359 -22.15 -1.35 43.49
CA CYS A 359 -21.95 -0.06 44.15
C CYS A 359 -21.39 -0.31 45.54
N GLU A 360 -20.06 -0.34 45.66
CA GLU A 360 -19.38 -0.53 46.92
C GLU A 360 -18.00 0.13 46.82
N ASN A 361 -17.14 -0.16 47.80
CA ASN A 361 -15.80 0.39 47.84
C ASN A 361 -14.72 -0.63 47.54
N SER A 362 -15.08 -1.91 47.39
CA SER A 362 -14.11 -2.96 47.11
C SER A 362 -14.40 -3.76 45.85
N GLU A 363 -15.69 -3.96 45.52
CA GLU A 363 -16.06 -4.86 44.43
C GLU A 363 -15.66 -4.34 43.06
N ILE A 364 -15.31 -3.07 42.92
CA ILE A 364 -15.04 -2.45 41.62
C ILE A 364 -13.66 -1.80 41.64
N ILE A 365 -12.91 -2.03 40.57
CA ILE A 365 -11.71 -1.23 40.34
C ILE A 365 -12.14 0.20 40.00
N ILE A 366 -11.20 1.14 40.14
CA ILE A 366 -11.36 2.52 39.68
C ILE A 366 -9.99 3.03 39.28
N ARG A 367 -9.90 3.59 38.08
CA ARG A 367 -8.72 4.29 37.62
C ARG A 367 -9.02 5.80 37.66
N LEU A 368 -7.98 6.60 37.50
CA LEU A 368 -8.16 8.04 37.36
C LEU A 368 -7.13 8.58 36.38
N TYR A 369 -7.41 9.79 35.88
CA TYR A 369 -6.47 10.55 35.05
C TYR A 369 -6.61 12.01 35.41
N GLU A 370 -5.53 12.60 35.91
CA GLU A 370 -5.53 14.01 36.29
C GLU A 370 -4.95 14.80 35.12
N MET A 371 -5.76 15.71 34.58
CA MET A 371 -5.38 16.47 33.41
C MET A 371 -5.59 17.96 33.67
N PRO A 372 -4.64 18.80 33.27
CA PRO A 372 -4.81 20.26 33.45
C PRO A 372 -5.98 20.83 32.68
N TYR A 373 -6.01 20.61 31.36
CA TYR A 373 -7.03 21.17 30.49
C TYR A 373 -7.51 20.11 29.51
N PHE A 374 -8.81 19.98 29.36
CA PHE A 374 -9.37 19.13 28.32
C PHE A 374 -9.08 19.76 26.95
N PRO A 375 -8.23 19.17 26.12
CA PRO A 375 -7.90 19.78 24.83
C PRO A 375 -9.12 19.90 23.94
N MET A 376 -9.16 20.96 23.14
CA MET A 376 -10.22 21.15 22.18
C MET A 376 -10.27 19.97 21.22
N GLY A 377 -11.41 19.29 21.16
CA GLY A 377 -11.51 18.11 20.35
C GLY A 377 -10.85 16.89 20.98
N PHE A 378 -10.97 16.74 22.30
CA PHE A 378 -10.51 15.54 22.99
C PHE A 378 -11.61 14.49 23.07
N TRP A 379 -12.74 14.85 23.66
CA TRP A 379 -13.82 13.88 23.88
C TRP A 379 -14.36 13.34 22.56
N SER A 380 -14.32 14.15 21.50
CA SER A 380 -14.72 13.66 20.18
C SER A 380 -13.84 12.50 19.73
N ARG A 381 -12.52 12.69 19.78
CA ARG A 381 -11.61 11.61 19.41
C ARG A 381 -11.76 10.41 20.33
N LEU A 382 -11.98 10.66 21.63
CA LEU A 382 -12.10 9.56 22.57
C LEU A 382 -13.32 8.71 22.27
N ILE A 383 -14.47 9.33 21.99
CA ILE A 383 -15.67 8.55 21.69
C ILE A 383 -15.54 7.88 20.32
N ASN A 384 -14.93 8.57 19.35
CA ASN A 384 -14.78 7.99 18.02
C ASN A 384 -13.81 6.83 18.02
N ARG A 385 -12.86 6.81 18.95
CA ARG A 385 -11.98 5.66 19.09
C ARG A 385 -12.68 4.55 19.88
N LEU A 386 -13.31 4.90 20.99
CA LEU A 386 -13.90 3.93 21.91
C LEU A 386 -15.29 3.48 21.45
N LEU A 387 -15.70 3.77 20.22
CA LEU A 387 -16.81 3.07 19.59
C LEU A 387 -16.36 1.91 18.71
N GLU A 388 -15.15 1.39 18.94
CA GLU A 388 -14.80 0.05 18.48
C GLU A 388 -15.33 -0.95 19.51
N ILE A 389 -16.22 -1.82 19.07
CA ILE A 389 -17.01 -2.61 20.01
C ILE A 389 -16.86 -4.09 19.66
N SER A 390 -15.75 -4.43 19.00
CA SER A 390 -15.39 -5.81 18.65
C SER A 390 -14.11 -6.17 19.39
N PRO A 391 -14.18 -6.55 20.67
CA PRO A 391 -12.98 -6.97 21.38
C PRO A 391 -12.92 -8.47 21.58
N PRO A 403 -24.13 -4.97 23.12
CA PRO A 403 -23.51 -3.90 23.92
C PRO A 403 -24.32 -2.62 23.94
N ASN A 404 -25.23 -2.50 24.90
CA ASN A 404 -26.16 -1.38 24.98
C ASN A 404 -25.41 -0.12 25.40
N ARG A 405 -25.08 0.73 24.43
CA ARG A 405 -24.34 1.95 24.69
C ARG A 405 -25.29 3.07 25.07
N ARG A 406 -24.82 3.94 25.97
CA ARG A 406 -25.57 5.13 26.35
C ARG A 406 -24.63 6.34 26.41
N TYR A 407 -23.94 6.59 25.30
CA TYR A 407 -22.91 7.64 25.29
C TYR A 407 -23.57 9.02 25.21
N TRP A 408 -23.28 9.86 26.20
CA TRP A 408 -23.53 11.29 26.11
C TRP A 408 -22.28 11.94 25.55
N ARG A 409 -22.17 13.27 25.67
CA ARG A 409 -21.03 14.03 25.14
C ARG A 409 -19.70 13.43 25.58
N GLN A 410 -19.51 13.29 26.89
CA GLN A 410 -18.22 12.84 27.42
C GLN A 410 -18.23 11.38 27.87
N GLY A 411 -19.17 11.00 28.73
CA GLY A 411 -19.07 9.67 29.33
C GLY A 411 -19.77 8.54 28.63
N ILE A 412 -19.02 7.81 27.80
CA ILE A 412 -19.52 6.57 27.23
C ILE A 412 -19.72 5.55 28.33
N TYR A 413 -20.71 4.67 28.16
CA TYR A 413 -21.00 3.62 29.15
C TYR A 413 -21.21 2.31 28.40
N LEU A 414 -20.14 1.56 28.19
CA LEU A 414 -20.16 0.35 27.38
C LEU A 414 -20.63 -0.83 28.24
N ASN A 415 -21.94 -0.93 28.39
CA ASN A 415 -22.52 -2.04 29.13
C ASN A 415 -22.55 -3.29 28.24
N TRP A 416 -22.34 -4.44 28.86
CA TRP A 416 -22.51 -5.73 28.22
C TRP A 416 -23.41 -6.67 29.01
N SER A 417 -23.30 -6.64 30.34
CA SER A 417 -23.91 -7.61 31.24
C SER A 417 -23.65 -7.10 32.65
N PRO A 418 -24.34 -7.62 33.68
CA PRO A 418 -23.99 -7.26 35.07
C PRO A 418 -22.60 -7.68 35.51
N GLU A 419 -21.81 -8.26 34.61
CA GLU A 419 -20.48 -8.77 34.93
C GLU A 419 -19.34 -7.92 34.38
N ALA A 420 -19.58 -7.09 33.37
CA ALA A 420 -18.48 -6.38 32.72
C ALA A 420 -19.02 -5.13 32.03
N TYR A 421 -18.54 -3.96 32.44
CA TYR A 421 -19.00 -2.70 31.88
C TYR A 421 -17.98 -1.60 32.18
N CYS A 422 -17.51 -0.93 31.14
CA CYS A 422 -16.53 0.14 31.27
C CYS A 422 -17.23 1.49 31.20
N LEU A 423 -17.31 2.19 32.33
CA LEU A 423 -17.96 3.50 32.40
C LEU A 423 -16.89 4.60 32.42
N VAL A 424 -16.41 4.95 31.23
CA VAL A 424 -15.52 6.10 31.07
C VAL A 424 -16.36 7.36 31.33
N GLY A 425 -15.71 8.49 31.55
CA GLY A 425 -16.45 9.73 31.72
C GLY A 425 -15.93 10.63 32.82
N SER A 426 -15.92 11.94 32.58
CA SER A 426 -15.22 12.88 33.44
C SER A 426 -15.91 13.00 34.79
N GLU A 427 -15.29 13.77 35.67
CA GLU A 427 -15.85 14.08 36.99
C GLU A 427 -15.11 15.30 37.51
N VAL A 428 -15.85 16.37 37.84
CA VAL A 428 -15.23 17.60 38.29
C VAL A 428 -15.68 17.97 39.70
N LEU A 429 -16.23 17.01 40.43
CA LEU A 429 -16.58 17.21 41.84
C LEU A 429 -15.39 16.86 42.75
N ASP A 430 -14.24 17.46 42.45
CA ASP A 430 -13.00 17.16 43.15
C ASP A 430 -12.57 18.27 44.10
N ASN A 431 -13.45 19.23 44.38
CA ASN A 431 -13.16 20.37 45.26
C ASN A 431 -11.91 21.14 44.81
N HIS A 432 -11.64 21.13 43.51
CA HIS A 432 -10.45 21.73 42.95
C HIS A 432 -10.71 22.03 41.48
N PRO A 433 -9.98 22.99 40.89
CA PRO A 433 -10.26 23.37 39.50
C PRO A 433 -9.86 22.33 38.47
N GLU A 434 -9.09 21.30 38.85
CA GLU A 434 -8.57 20.35 37.88
C GLU A 434 -9.70 19.52 37.25
N SER A 435 -9.34 18.79 36.19
CA SER A 435 -10.28 17.98 35.42
C SER A 435 -9.86 16.52 35.52
N PHE A 436 -10.80 15.66 35.89
CA PHE A 436 -10.50 14.27 36.23
C PHE A 436 -11.24 13.35 35.28
N LEU A 437 -10.48 12.52 34.56
CA LEU A 437 -11.01 11.37 33.85
C LEU A 437 -11.03 10.17 34.78
N LYS A 438 -11.99 9.27 34.57
CA LYS A 438 -12.07 8.08 35.41
C LYS A 438 -12.58 6.90 34.60
N ILE A 439 -12.17 5.70 35.02
CA ILE A 439 -12.57 4.45 34.42
C ILE A 439 -13.01 3.53 35.55
N THR A 440 -13.95 2.64 35.26
CA THR A 440 -14.51 1.79 36.30
C THR A 440 -14.91 0.45 35.70
N VAL A 441 -14.40 -0.62 36.29
CA VAL A 441 -14.78 -1.98 35.91
C VAL A 441 -15.09 -2.78 37.17
N PRO A 442 -16.04 -3.71 37.13
CA PRO A 442 -16.23 -4.60 38.28
C PRO A 442 -15.09 -5.59 38.38
N SER A 443 -14.59 -5.79 39.60
CA SER A 443 -13.30 -6.44 39.79
C SER A 443 -13.36 -7.96 39.67
N CYS A 444 -14.01 -8.46 38.64
CA CYS A 444 -13.78 -9.81 38.15
C CYS A 444 -12.67 -9.74 37.10
N ARG A 445 -12.48 -10.83 36.34
CA ARG A 445 -11.35 -10.86 35.40
C ARG A 445 -11.71 -10.14 34.10
N LYS A 446 -12.87 -10.46 33.51
CA LYS A 446 -13.30 -9.80 32.28
C LYS A 446 -13.26 -8.28 32.41
N GLY A 447 -13.64 -7.76 33.59
CA GLY A 447 -13.45 -6.35 33.87
C GLY A 447 -12.01 -5.92 33.78
N CYS A 448 -11.08 -6.79 34.22
CA CYS A 448 -9.67 -6.44 34.15
C CYS A 448 -9.17 -6.40 32.72
N ILE A 449 -9.68 -7.29 31.87
CA ILE A 449 -9.34 -7.23 30.45
C ILE A 449 -9.88 -5.95 29.83
N LEU A 450 -11.13 -5.59 30.17
CA LEU A 450 -11.73 -4.36 29.68
C LEU A 450 -10.90 -3.14 30.07
N LEU A 451 -10.53 -3.05 31.35
CA LEU A 451 -9.75 -1.91 31.83
C LEU A 451 -8.37 -1.87 31.19
N GLY A 452 -7.69 -3.02 31.12
CA GLY A 452 -6.39 -3.09 30.49
C GLY A 452 -6.41 -2.93 28.98
N GLN A 453 -7.60 -2.89 28.37
CA GLN A 453 -7.70 -2.51 26.97
C GLN A 453 -8.01 -1.02 26.82
N VAL A 454 -8.89 -0.49 27.66
CA VAL A 454 -9.26 0.91 27.56
C VAL A 454 -8.09 1.81 27.94
N VAL A 455 -7.25 1.38 28.90
CA VAL A 455 -6.07 2.17 29.25
C VAL A 455 -5.12 2.25 28.05
N ASP A 456 -4.89 1.12 27.38
CA ASP A 456 -4.06 1.11 26.18
C ASP A 456 -4.62 2.05 25.12
N HIS A 457 -5.93 2.01 24.90
CA HIS A 457 -6.54 2.83 23.85
C HIS A 457 -6.41 4.32 24.18
N ILE A 458 -6.74 4.70 25.42
CA ILE A 458 -6.65 6.10 25.83
C ILE A 458 -5.21 6.58 25.76
N ASP A 459 -4.25 5.73 26.14
CA ASP A 459 -2.86 6.16 26.12
C ASP A 459 -2.33 6.31 24.70
N SER A 460 -2.74 5.42 23.79
CA SER A 460 -2.41 5.59 22.39
C SER A 460 -2.98 6.91 21.85
N LEU A 461 -4.27 7.16 22.11
CA LEU A 461 -4.91 8.39 21.67
C LEU A 461 -4.16 9.61 22.17
N MET A 462 -3.91 9.68 23.48
CA MET A 462 -3.22 10.82 24.06
C MET A 462 -1.75 10.90 23.65
N GLU A 463 -1.18 9.81 23.14
CA GLU A 463 0.21 9.84 22.70
C GLU A 463 0.36 10.16 21.23
N GLU A 464 -0.72 10.08 20.45
CA GLU A 464 -0.63 10.38 19.02
C GLU A 464 -1.10 11.79 18.66
N TRP A 465 -2.35 12.13 19.01
CA TRP A 465 -2.87 13.42 18.56
C TRP A 465 -2.49 14.55 19.50
N PHE A 466 -2.44 14.30 20.81
CA PHE A 466 -2.29 15.34 21.83
C PHE A 466 -1.02 15.10 22.65
N PRO A 467 0.17 15.28 22.04
CA PRO A 467 1.40 14.99 22.79
C PRO A 467 1.66 15.98 23.93
N GLY A 468 1.14 17.20 23.82
CA GLY A 468 1.42 18.22 24.83
C GLY A 468 1.07 17.82 26.25
N LEU A 469 0.07 16.96 26.42
CA LEU A 469 -0.32 16.47 27.73
C LEU A 469 0.74 15.61 28.40
N LEU A 470 1.74 15.14 27.65
CA LEU A 470 2.81 14.33 28.21
C LEU A 470 4.07 14.42 27.36
N LEU A 481 2.89 16.81 32.51
CA LEU A 481 1.68 17.42 33.05
C LEU A 481 0.72 16.35 33.56
N LEU A 482 0.44 15.36 32.72
CA LEU A 482 -0.44 14.26 33.09
C LEU A 482 0.12 13.50 34.28
N LYS A 483 -0.76 13.11 35.20
CA LYS A 483 -0.37 12.31 36.36
C LYS A 483 -1.47 11.30 36.63
N LYS A 484 -1.10 10.02 36.67
CA LYS A 484 -2.07 8.98 36.92
C LYS A 484 -2.57 9.03 38.36
N TRP A 485 -3.52 8.15 38.68
CA TRP A 485 -4.03 7.98 40.05
C TRP A 485 -4.76 6.65 40.10
N ALA A 486 -4.34 5.78 41.02
CA ALA A 486 -5.02 4.50 41.24
C ALA A 486 -5.65 4.52 42.63
N LEU A 487 -6.96 4.32 42.67
CA LEU A 487 -7.73 4.43 43.91
C LEU A 487 -7.95 3.04 44.49
N TYR A 488 -7.21 2.72 45.54
CA TYR A 488 -7.34 1.46 46.26
C TYR A 488 -8.06 1.67 47.58
N SER A 489 -8.41 0.55 48.22
CA SER A 489 -9.11 0.57 49.50
C SER A 489 -8.49 -0.47 50.41
N PHE A 490 -7.94 -0.04 51.55
CA PHE A 490 -7.36 -1.00 52.49
C PHE A 490 -8.46 -1.77 53.22
N ASN A 491 -9.31 -1.05 53.95
CA ASN A 491 -10.46 -1.63 54.65
C ASN A 491 -11.73 -1.30 53.87
N ASP A 492 -12.51 -2.33 53.53
CA ASP A 492 -13.73 -2.13 52.78
C ASP A 492 -14.74 -1.30 53.59
N GLY A 493 -15.75 -0.81 52.88
CA GLY A 493 -16.78 0.01 53.50
C GLY A 493 -16.25 1.31 54.07
N GLU A 494 -15.50 2.05 53.25
CA GLU A 494 -14.91 3.33 53.66
C GLU A 494 -14.46 4.04 52.40
N GLU A 495 -13.94 5.27 52.58
CA GLU A 495 -13.40 6.03 51.47
C GLU A 495 -12.10 5.42 50.97
N HIS A 496 -11.76 5.73 49.73
CA HIS A 496 -10.58 5.18 49.07
C HIS A 496 -9.46 6.22 49.06
N GLN A 497 -8.24 5.76 49.32
CA GLN A 497 -7.07 6.62 49.26
C GLN A 497 -6.69 6.87 47.80
N LYS A 498 -5.56 7.55 47.57
CA LYS A 498 -5.12 7.89 46.23
C LYS A 498 -3.60 7.78 46.15
N ILE A 499 -3.11 6.77 45.44
CA ILE A 499 -1.69 6.58 45.21
C ILE A 499 -1.45 6.49 43.70
N LEU A 500 -0.40 7.14 43.23
CA LEU A 500 -0.18 7.30 41.80
C LEU A 500 0.78 6.24 41.28
N LEU A 501 0.71 6.01 39.97
CA LEU A 501 1.35 4.84 39.37
C LEU A 501 2.86 4.98 39.25
N ASP A 502 3.40 6.20 39.25
CA ASP A 502 4.85 6.38 39.18
C ASP A 502 5.57 5.80 40.41
N ASP A 503 4.85 5.54 41.50
CA ASP A 503 5.40 4.85 42.66
C ASP A 503 4.85 3.44 42.83
N LEU A 504 3.59 3.22 42.43
CA LEU A 504 3.05 1.87 42.41
C LEU A 504 3.84 0.96 41.49
N MET A 505 4.45 1.52 40.43
CA MET A 505 5.27 0.72 39.52
C MET A 505 6.44 0.09 40.27
N LYS A 506 7.15 0.88 41.09
CA LYS A 506 8.23 0.32 41.89
C LYS A 506 7.69 -0.61 42.97
N LYS A 507 6.63 -0.18 43.66
CA LYS A 507 6.08 -0.99 44.75
C LYS A 507 5.56 -2.34 44.28
N ALA A 508 5.24 -2.48 42.99
CA ALA A 508 4.81 -3.75 42.43
C ALA A 508 5.92 -4.46 41.65
N GLU A 509 7.00 -3.76 41.30
CA GLU A 509 8.12 -4.40 40.66
C GLU A 509 9.09 -5.01 41.67
N GLU A 510 9.19 -4.43 42.87
CA GLU A 510 9.99 -5.05 43.91
C GLU A 510 9.36 -6.34 44.42
N GLY A 511 8.07 -6.30 44.73
CA GLY A 511 7.37 -7.47 45.22
C GLY A 511 5.88 -7.26 45.34
N ASP A 512 5.09 -8.32 45.17
CA ASP A 512 3.64 -8.21 45.17
C ASP A 512 3.14 -8.02 46.60
N LEU A 513 1.81 -8.05 46.77
CA LEU A 513 1.13 -7.94 48.07
C LEU A 513 1.45 -6.59 48.74
N LEU A 514 0.98 -5.52 48.08
CA LEU A 514 1.10 -4.16 48.61
C LEU A 514 0.60 -4.07 50.05
N VAL A 515 1.47 -3.58 50.94
CA VAL A 515 1.27 -3.69 52.38
C VAL A 515 0.52 -2.47 52.89
N ASN A 516 -0.19 -2.67 54.01
CA ASN A 516 -0.88 -1.58 54.69
C ASN A 516 0.00 -1.05 55.81
N PRO A 517 0.44 0.21 55.76
CA PRO A 517 1.37 0.71 56.79
C PRO A 517 0.78 0.70 58.20
N ASP A 518 -0.51 1.02 58.33
CA ASP A 518 -1.15 1.03 59.65
C ASP A 518 -1.13 -0.36 60.29
N GLN A 519 -1.79 -1.32 59.65
CA GLN A 519 -1.83 -2.70 60.13
C GLN A 519 -1.18 -3.61 59.09
N PRO A 520 -0.04 -4.23 59.41
CA PRO A 520 0.60 -5.13 58.42
C PRO A 520 -0.21 -6.39 58.14
N ARG A 521 -1.15 -6.77 59.01
CA ARG A 521 -2.00 -7.93 58.74
C ARG A 521 -2.96 -7.68 57.58
N LEU A 522 -3.23 -6.42 57.25
CA LEU A 522 -4.08 -6.07 56.12
C LEU A 522 -3.22 -5.94 54.86
N THR A 523 -3.67 -6.57 53.78
CA THR A 523 -2.92 -6.58 52.53
C THR A 523 -3.91 -6.74 51.38
N ILE A 524 -3.63 -6.07 50.27
CA ILE A 524 -4.49 -6.13 49.09
C ILE A 524 -3.66 -6.60 47.89
N PRO A 525 -4.25 -7.26 46.90
CA PRO A 525 -3.48 -7.70 45.74
C PRO A 525 -3.39 -6.63 44.66
N ILE A 526 -2.29 -6.67 43.91
CA ILE A 526 -2.02 -5.72 42.85
C ILE A 526 -2.68 -6.20 41.57
N SER A 527 -3.51 -7.24 41.68
CA SER A 527 -4.26 -7.76 40.55
C SER A 527 -5.71 -7.32 40.55
N GLN A 528 -6.18 -6.64 41.61
CA GLN A 528 -7.51 -6.04 41.62
C GLN A 528 -7.44 -4.56 42.01
N ILE A 529 -6.28 -3.93 41.84
CA ILE A 529 -6.12 -2.49 42.03
C ILE A 529 -5.72 -1.80 40.74
N ALA A 530 -4.80 -2.41 39.98
CA ALA A 530 -4.33 -1.87 38.71
C ALA A 530 -3.71 -3.01 37.91
N PRO A 531 -4.52 -3.83 37.24
CA PRO A 531 -3.98 -4.98 36.49
C PRO A 531 -3.30 -4.61 35.18
N ASP A 532 -3.02 -3.32 34.96
CA ASP A 532 -2.14 -2.89 33.88
C ASP A 532 -0.73 -2.63 34.38
N LEU A 533 -0.30 -3.33 35.43
CA LEU A 533 1.04 -3.18 35.97
C LEU A 533 1.74 -4.49 36.29
N ILE A 534 1.02 -5.63 36.34
CA ILE A 534 1.63 -6.94 36.51
C ILE A 534 1.35 -7.84 35.32
N LEU A 535 0.83 -7.29 34.22
CA LEU A 535 0.47 -8.04 33.01
C LEU A 535 -0.44 -9.22 33.34
N ALA A 536 -1.49 -8.94 34.11
CA ALA A 536 -2.55 -9.90 34.39
C ALA A 536 -3.77 -9.66 33.51
N ASP A 537 -3.72 -8.68 32.61
CA ASP A 537 -4.78 -8.44 31.64
C ASP A 537 -4.56 -9.17 30.32
N LEU A 538 -3.85 -10.29 30.36
CA LEU A 538 -3.60 -11.14 29.21
C LEU A 538 -4.07 -12.56 29.53
N PRO A 539 -4.30 -13.41 28.50
CA PRO A 539 -4.74 -14.79 28.76
C PRO A 539 -3.86 -15.56 29.73
N ARG A 540 -4.42 -16.57 30.38
CA ARG A 540 -3.68 -17.30 31.41
C ARG A 540 -2.63 -18.23 30.81
N ASN A 541 -2.77 -18.59 29.52
CA ASN A 541 -1.79 -19.48 28.90
C ASN A 541 -0.43 -18.81 28.76
N ILE A 542 -0.42 -17.52 28.46
CA ILE A 542 0.84 -16.77 28.29
C ILE A 542 1.20 -16.23 29.67
N MET A 543 1.84 -17.07 30.47
CA MET A 543 2.25 -16.73 31.82
C MET A 543 3.59 -17.40 32.10
N LEU A 544 4.57 -16.61 32.51
CA LEU A 544 5.96 -17.07 32.56
C LEU A 544 6.12 -18.23 33.54
N ASN A 545 7.11 -19.07 33.27
CA ASN A 545 7.42 -20.26 34.07
C ASN A 545 8.89 -20.24 34.45
N ASN A 546 9.32 -19.11 35.05
CA ASN A 546 10.73 -18.74 35.21
C ASN A 546 11.62 -19.84 35.77
N ASP A 547 11.05 -20.86 36.42
CA ASP A 547 11.84 -22.00 36.90
C ASP A 547 12.38 -22.87 35.77
N GLU A 548 12.06 -22.57 34.51
CA GLU A 548 12.51 -23.34 33.37
C GLU A 548 12.97 -22.42 32.25
N LEU A 549 13.72 -21.37 32.59
CA LEU A 549 14.28 -20.42 31.63
C LEU A 549 15.75 -20.25 31.95
N GLU A 550 16.59 -21.11 31.39
CA GLU A 550 17.96 -21.35 31.88
C GLU A 550 19.00 -20.59 31.07
N PHE A 551 18.70 -19.38 30.63
CA PHE A 551 19.65 -18.59 29.85
C PHE A 551 20.50 -17.70 30.75
N GLU A 552 21.79 -17.66 30.45
CA GLU A 552 22.71 -16.73 31.08
C GLU A 552 22.83 -15.49 30.19
N GLN A 553 22.84 -14.32 30.82
CA GLN A 553 22.87 -13.04 30.13
C GLN A 553 24.15 -12.82 29.34
N ALA A 554 25.12 -13.75 29.46
CA ALA A 554 26.43 -13.75 28.81
C ALA A 554 26.35 -13.35 27.34
N PRO A 555 27.16 -12.40 26.89
CA PRO A 555 27.01 -11.86 25.54
C PRO A 555 27.44 -12.81 24.42
N GLU A 556 27.77 -14.06 24.75
CA GLU A 556 28.04 -15.04 23.71
C GLU A 556 26.81 -15.28 22.84
N PHE A 557 25.65 -15.46 23.48
CA PHE A 557 24.38 -15.62 22.77
C PHE A 557 23.83 -14.22 22.49
N LEU A 558 24.09 -13.71 21.29
CA LEU A 558 23.59 -12.39 20.92
C LEU A 558 22.98 -12.43 19.53
N LEU A 559 21.93 -11.64 19.35
CA LEU A 559 21.29 -11.43 18.06
C LEU A 559 20.95 -9.94 18.00
N GLY A 560 20.07 -9.57 17.05
CA GLY A 560 19.71 -8.18 16.78
C GLY A 560 19.39 -7.30 17.97
N ASP A 561 19.67 -6.01 17.86
CA ASP A 561 19.44 -5.02 18.92
C ASP A 561 18.52 -3.95 18.35
N GLY A 562 17.22 -4.16 18.49
CA GLY A 562 16.23 -3.31 17.87
C GLY A 562 15.90 -2.03 18.63
N SER A 563 16.91 -1.38 19.18
CA SER A 563 16.88 -0.06 19.84
C SER A 563 16.08 -0.06 21.14
N PHE A 564 15.46 -1.14 21.53
CA PHE A 564 14.76 -1.23 22.81
C PHE A 564 15.19 -2.42 23.64
N GLY A 565 15.49 -3.55 23.01
CA GLY A 565 15.95 -4.72 23.74
C GLY A 565 17.16 -5.38 23.10
N SER A 566 17.35 -6.67 23.39
CA SER A 566 18.47 -7.41 22.83
C SER A 566 18.13 -8.90 22.91
N VAL A 567 17.90 -9.50 21.75
CA VAL A 567 17.31 -10.84 21.66
C VAL A 567 18.40 -11.89 21.78
N TYR A 568 18.45 -12.59 22.90
CA TYR A 568 19.45 -13.63 23.13
C TYR A 568 18.99 -14.94 22.49
N ARG A 569 19.67 -16.03 22.81
CA ARG A 569 19.26 -17.38 22.48
C ARG A 569 19.08 -18.19 23.76
N ALA A 570 17.97 -18.90 23.87
CA ALA A 570 17.60 -19.48 25.15
C ALA A 570 16.75 -20.74 24.97
N ALA A 571 16.62 -21.49 26.06
CA ALA A 571 15.71 -22.62 26.15
C ALA A 571 14.53 -22.28 27.05
N TYR A 572 13.43 -23.00 26.88
CA TYR A 572 12.24 -22.80 27.70
C TYR A 572 11.56 -24.16 27.81
N GLU A 573 11.71 -24.81 28.98
CA GLU A 573 11.12 -26.12 29.28
C GLU A 573 11.52 -27.19 28.26
N GLY A 574 12.54 -26.89 27.46
CA GLY A 574 12.98 -27.72 26.35
C GLY A 574 12.42 -27.18 25.06
N GLU A 575 13.19 -26.32 24.40
CA GLU A 575 12.86 -25.68 23.13
C GLU A 575 14.03 -24.77 22.76
N GLU A 576 13.94 -24.19 21.57
CA GLU A 576 14.78 -23.06 21.17
C GLU A 576 13.92 -21.81 21.14
N VAL A 577 14.13 -20.92 22.11
CA VAL A 577 13.35 -19.70 22.24
C VAL A 577 14.28 -18.50 22.27
N ALA A 578 13.86 -17.41 21.63
CA ALA A 578 14.67 -16.19 21.56
C ALA A 578 14.13 -15.17 22.55
N VAL A 579 14.57 -15.30 23.81
CA VAL A 579 14.26 -14.32 24.85
C VAL A 579 14.62 -12.92 24.37
N LYS A 580 13.79 -11.94 24.73
CA LYS A 580 14.05 -10.53 24.43
C LYS A 580 13.99 -9.75 25.74
N ILE A 581 15.11 -9.70 26.45
CA ILE A 581 15.19 -8.91 27.67
C ILE A 581 15.25 -7.43 27.29
N PHE A 582 14.38 -6.64 27.90
CA PHE A 582 14.39 -5.21 27.64
C PHE A 582 15.60 -4.55 28.30
N ASN A 583 15.83 -3.29 27.94
CA ASN A 583 17.05 -2.59 28.34
C ASN A 583 16.93 -2.13 29.79
N LYS A 584 17.86 -1.28 30.23
CA LYS A 584 17.94 -0.86 31.62
C LYS A 584 16.63 -0.21 32.08
N HIS A 585 16.24 0.89 31.45
CA HIS A 585 15.02 1.60 31.82
C HIS A 585 14.19 1.78 30.55
N THR A 586 13.05 1.09 30.49
CA THR A 586 12.08 1.27 29.42
C THR A 586 10.69 1.42 30.02
N SER A 587 9.97 2.45 29.59
CA SER A 587 8.63 2.67 30.09
C SER A 587 7.72 1.52 29.70
N LEU A 588 6.96 1.00 30.67
CA LEU A 588 6.12 -0.18 30.47
C LEU A 588 5.11 0.00 29.33
N ARG A 589 4.82 1.24 28.95
CA ARG A 589 4.04 1.53 27.76
C ARG A 589 4.62 0.85 26.52
N LEU A 590 5.95 0.72 26.45
CA LEU A 590 6.57 0.05 25.30
C LEU A 590 6.27 -1.44 25.30
N LEU A 591 6.48 -2.09 26.46
CA LEU A 591 6.17 -3.51 26.60
C LEU A 591 4.71 -3.78 26.25
N ARG A 592 3.81 -2.88 26.64
CA ARG A 592 2.41 -3.10 26.28
C ARG A 592 2.13 -2.79 24.81
N GLN A 593 2.85 -1.82 24.24
CA GLN A 593 2.77 -1.55 22.81
C GLN A 593 3.11 -2.78 21.99
N GLU A 594 4.06 -3.58 22.47
CA GLU A 594 4.39 -4.82 21.76
C GLU A 594 3.43 -5.95 22.13
N LEU A 595 2.99 -6.01 23.39
CA LEU A 595 2.19 -7.14 23.82
C LEU A 595 0.76 -7.07 23.28
N VAL A 596 0.23 -5.86 23.07
CA VAL A 596 -1.14 -5.70 22.61
C VAL A 596 -1.29 -6.09 21.14
N VAL A 597 -0.19 -6.31 20.44
CA VAL A 597 -0.22 -6.85 19.10
C VAL A 597 0.30 -8.28 19.05
N LEU A 598 1.16 -8.68 19.99
CA LEU A 598 1.63 -10.05 19.99
C LEU A 598 0.68 -11.04 20.65
N CYS A 599 -0.22 -10.59 21.52
CA CYS A 599 -1.06 -11.49 22.29
C CYS A 599 -2.53 -11.49 21.90
N HIS A 600 -2.90 -10.79 20.83
CA HIS A 600 -4.31 -10.75 20.44
C HIS A 600 -4.59 -11.41 19.10
N LEU A 601 -3.87 -11.03 18.05
CA LEU A 601 -4.11 -11.55 16.71
C LEU A 601 -3.02 -12.56 16.34
N HIS A 602 -3.43 -13.82 16.18
CA HIS A 602 -2.54 -14.90 15.78
C HIS A 602 -2.69 -15.17 14.29
N HIS A 603 -1.63 -15.75 13.70
CA HIS A 603 -1.56 -15.97 12.26
C HIS A 603 -0.31 -16.79 11.94
N PRO A 604 -0.32 -17.61 10.88
CA PRO A 604 0.91 -18.28 10.46
C PRO A 604 1.75 -17.43 9.50
N SER A 605 1.85 -16.14 9.81
CA SER A 605 2.86 -15.28 9.21
C SER A 605 3.39 -14.26 10.20
N LEU A 606 2.91 -14.26 11.44
CA LEU A 606 3.32 -13.33 12.48
C LEU A 606 3.86 -14.14 13.65
N ILE A 607 5.07 -13.78 14.11
CA ILE A 607 5.74 -14.55 15.14
C ILE A 607 4.89 -14.58 16.41
N SER A 608 4.84 -15.75 17.05
CA SER A 608 3.87 -16.04 18.09
C SER A 608 4.54 -16.06 19.46
N LEU A 609 4.00 -15.27 20.38
CA LEU A 609 4.56 -15.17 21.72
C LEU A 609 4.29 -16.44 22.51
N LEU A 610 5.27 -16.86 23.31
CA LEU A 610 5.11 -18.04 24.15
C LEU A 610 4.89 -17.72 25.63
N ALA A 611 5.49 -16.64 26.12
CA ALA A 611 5.34 -16.20 27.51
C ALA A 611 5.97 -14.82 27.66
N ALA A 612 5.42 -14.03 28.57
CA ALA A 612 5.93 -12.69 28.83
C ALA A 612 5.72 -12.37 30.31
N GLY A 613 6.81 -12.27 31.07
CA GLY A 613 6.73 -11.97 32.48
C GLY A 613 6.89 -10.49 32.74
N ILE A 614 7.11 -10.16 34.01
CA ILE A 614 7.35 -8.76 34.39
C ILE A 614 8.52 -8.57 35.33
N ARG A 615 9.01 -9.63 36.00
CA ARG A 615 10.07 -9.46 36.99
C ARG A 615 11.36 -8.90 36.38
N PRO A 616 11.92 -9.45 35.30
CA PRO A 616 12.93 -8.68 34.53
C PRO A 616 12.38 -7.95 33.32
N ARG A 617 11.05 -7.95 33.12
CA ARG A 617 10.39 -7.31 31.98
C ARG A 617 10.90 -7.86 30.65
N MET A 618 10.65 -9.15 30.43
CA MET A 618 11.18 -9.86 29.26
C MET A 618 10.05 -10.36 28.37
N LEU A 619 10.43 -10.73 27.15
CA LEU A 619 9.54 -11.39 26.20
C LEU A 619 10.20 -12.65 25.69
N VAL A 620 9.38 -13.66 25.37
CA VAL A 620 9.86 -14.94 24.85
C VAL A 620 9.15 -15.18 23.52
N MET A 621 9.93 -15.36 22.45
CA MET A 621 9.40 -15.51 21.11
C MET A 621 10.00 -16.73 20.43
N GLU A 622 9.22 -17.33 19.53
CA GLU A 622 9.62 -18.56 18.84
C GLU A 622 10.85 -18.33 17.98
N LEU A 623 11.96 -19.00 18.32
CA LEU A 623 13.25 -18.74 17.68
C LEU A 623 13.22 -19.20 16.23
N ALA A 624 13.21 -18.24 15.31
CA ALA A 624 13.32 -18.53 13.89
C ALA A 624 14.69 -19.12 13.59
N SER A 625 14.69 -20.35 13.07
CA SER A 625 15.93 -21.10 12.86
C SER A 625 16.87 -20.40 11.88
N LYS A 626 16.43 -20.24 10.63
CA LYS A 626 17.34 -19.90 9.54
C LYS A 626 17.80 -18.43 9.57
N GLY A 627 17.49 -17.64 10.57
CA GLY A 627 18.06 -16.32 10.70
C GLY A 627 17.33 -15.26 9.89
N SER A 628 17.53 -14.01 10.29
CA SER A 628 16.91 -12.86 9.65
C SER A 628 17.31 -12.77 8.17
N LEU A 629 16.51 -12.02 7.42
CA LEU A 629 16.66 -11.97 5.97
C LEU A 629 17.96 -11.28 5.55
N ASP A 630 18.38 -10.25 6.30
CA ASP A 630 19.47 -9.38 5.85
C ASP A 630 20.76 -10.15 5.59
N ARG A 631 21.22 -10.93 6.57
CA ARG A 631 22.41 -11.73 6.38
C ARG A 631 22.10 -13.13 5.87
N LEU A 632 20.96 -13.30 5.19
CA LEU A 632 20.80 -14.31 4.15
C LEU A 632 20.90 -13.70 2.76
N LEU A 633 20.63 -12.41 2.64
CA LEU A 633 20.90 -11.69 1.40
C LEU A 633 22.39 -11.46 1.23
N GLN A 634 23.03 -10.86 2.23
CA GLN A 634 24.44 -10.49 2.12
C GLN A 634 25.34 -11.71 1.93
N GLN A 635 24.95 -12.87 2.47
CA GLN A 635 25.83 -14.04 2.51
C GLN A 635 25.38 -15.17 1.59
N ASP A 636 24.16 -15.67 1.78
CA ASP A 636 23.73 -16.91 1.13
C ASP A 636 22.94 -16.62 -0.15
N LYS A 637 23.60 -15.94 -1.10
CA LYS A 637 22.96 -15.66 -2.38
C LYS A 637 22.76 -16.90 -3.25
N ALA A 638 23.27 -18.06 -2.83
CA ALA A 638 23.12 -19.28 -3.63
C ALA A 638 21.78 -19.97 -3.35
N SER A 639 21.33 -19.96 -2.10
CA SER A 639 20.06 -20.60 -1.76
C SER A 639 18.86 -19.83 -2.26
N LEU A 640 19.03 -18.56 -2.63
CA LEU A 640 17.93 -17.66 -2.98
C LEU A 640 17.51 -17.94 -4.42
N THR A 641 16.53 -18.82 -4.59
CA THR A 641 16.06 -19.24 -5.90
C THR A 641 15.10 -18.17 -6.45
N ARG A 642 14.36 -18.49 -7.51
CA ARG A 642 13.33 -17.61 -8.05
C ARG A 642 11.93 -18.09 -7.70
N THR A 643 11.81 -19.02 -6.75
CA THR A 643 10.57 -19.28 -6.04
C THR A 643 10.59 -18.75 -4.62
N LEU A 644 11.71 -18.95 -3.92
CA LEU A 644 11.87 -18.42 -2.57
C LEU A 644 11.73 -16.90 -2.54
N GLN A 645 12.18 -16.22 -3.59
CA GLN A 645 11.98 -14.78 -3.71
C GLN A 645 10.51 -14.40 -3.89
N HIS A 646 9.64 -15.37 -4.16
CA HIS A 646 8.21 -15.12 -4.22
C HIS A 646 7.49 -15.78 -3.03
N ARG A 647 8.22 -16.50 -2.20
CA ARG A 647 7.64 -16.94 -0.92
C ARG A 647 7.89 -15.92 0.18
N ILE A 648 9.09 -15.35 0.23
CA ILE A 648 9.42 -14.38 1.29
C ILE A 648 8.91 -13.01 0.85
N ALA A 649 8.13 -12.98 -0.23
CA ALA A 649 7.42 -11.77 -0.64
C ALA A 649 5.93 -12.04 -0.79
N LEU A 650 5.46 -13.22 -0.43
CA LEU A 650 4.04 -13.52 -0.33
C LEU A 650 3.58 -13.76 1.10
N HIS A 651 4.39 -14.47 1.91
CA HIS A 651 4.02 -14.62 3.32
C HIS A 651 4.07 -13.29 4.05
N VAL A 652 4.96 -12.39 3.65
CA VAL A 652 5.01 -11.06 4.26
C VAL A 652 3.77 -10.25 3.87
N ALA A 653 3.34 -10.36 2.61
CA ALA A 653 2.09 -9.71 2.20
C ALA A 653 0.89 -10.29 2.95
N ASP A 654 0.92 -11.59 3.25
CA ASP A 654 -0.12 -12.19 4.09
C ASP A 654 -0.13 -11.56 5.48
N GLY A 655 1.05 -11.46 6.09
CA GLY A 655 1.16 -10.82 7.39
C GLY A 655 0.64 -9.39 7.39
N LEU A 656 1.01 -8.63 6.35
CA LEU A 656 0.55 -7.24 6.26
C LEU A 656 -0.96 -7.17 6.08
N ARG A 657 -1.53 -8.06 5.27
CA ARG A 657 -2.97 -8.09 5.07
C ARG A 657 -3.69 -8.34 6.38
N TYR A 658 -3.22 -9.33 7.15
CA TYR A 658 -3.88 -9.60 8.43
C TYR A 658 -3.71 -8.44 9.40
N LEU A 659 -2.51 -7.85 9.45
CA LEU A 659 -2.26 -6.71 10.32
C LEU A 659 -3.23 -5.57 10.01
N HIS A 660 -3.17 -5.06 8.77
CA HIS A 660 -4.03 -3.95 8.38
C HIS A 660 -5.52 -4.30 8.40
N SER A 661 -5.86 -5.58 8.43
CA SER A 661 -7.27 -5.95 8.57
C SER A 661 -7.78 -5.80 10.00
N ALA A 662 -6.92 -5.46 10.96
CA ALA A 662 -7.33 -5.28 12.34
C ALA A 662 -6.86 -3.95 12.91
N MET A 663 -6.76 -2.92 12.05
CA MET A 663 -6.50 -1.51 12.37
C MET A 663 -5.11 -1.25 12.93
N ILE A 664 -4.20 -2.23 12.96
CA ILE A 664 -2.81 -2.00 13.35
C ILE A 664 -2.00 -1.64 12.12
N ILE A 665 -1.08 -0.68 12.27
CA ILE A 665 -0.12 -0.28 11.25
C ILE A 665 1.27 -0.57 11.80
N TYR A 666 2.21 -0.90 10.92
CA TYR A 666 3.51 -1.41 11.35
C TYR A 666 4.64 -0.41 11.18
N ARG A 667 4.73 0.27 10.03
CA ARG A 667 5.66 1.37 9.78
C ARG A 667 7.13 0.97 9.90
N ASP A 668 7.45 -0.33 9.95
CA ASP A 668 8.83 -0.72 10.25
C ASP A 668 9.30 -1.88 9.38
N LEU A 669 8.61 -2.17 8.28
CA LEU A 669 8.90 -3.36 7.49
C LEU A 669 10.18 -3.16 6.69
N LYS A 670 11.33 -3.48 7.28
CA LYS A 670 12.61 -3.40 6.62
C LYS A 670 13.25 -4.78 6.54
N PRO A 671 14.17 -5.01 5.58
CA PRO A 671 14.69 -6.36 5.38
C PRO A 671 15.68 -6.83 6.42
N HIS A 672 15.79 -6.13 7.55
CA HIS A 672 16.36 -6.70 8.76
C HIS A 672 15.30 -7.34 9.64
N ASN A 673 14.02 -7.22 9.28
CA ASN A 673 12.90 -7.62 10.13
C ASN A 673 11.95 -8.52 9.36
N VAL A 674 12.49 -9.51 8.65
CA VAL A 674 11.68 -10.59 8.09
C VAL A 674 12.42 -11.90 8.35
N LEU A 675 11.99 -12.64 9.35
CA LEU A 675 12.72 -13.83 9.76
C LEU A 675 12.35 -15.01 8.86
N LEU A 676 13.20 -16.03 8.87
CA LEU A 676 13.00 -17.24 8.07
C LEU A 676 12.92 -18.46 8.98
N PHE A 677 12.30 -19.52 8.46
CA PHE A 677 12.19 -20.78 9.18
C PHE A 677 12.65 -22.00 8.40
N THR A 678 12.71 -21.94 7.07
CA THR A 678 13.09 -23.07 6.26
C THR A 678 13.42 -22.56 4.86
N LEU A 679 14.54 -23.01 4.31
CA LEU A 679 14.97 -22.60 2.97
C LEU A 679 14.59 -23.60 1.90
N TYR A 680 13.83 -24.64 2.25
CA TYR A 680 13.29 -25.56 1.26
C TYR A 680 12.09 -24.92 0.59
N PRO A 681 12.13 -24.63 -0.75
CA PRO A 681 11.11 -23.81 -1.42
C PRO A 681 9.65 -24.11 -1.08
N ASN A 682 9.22 -25.35 -1.26
CA ASN A 682 7.81 -25.69 -1.11
C ASN A 682 7.45 -26.09 0.30
N ALA A 683 7.77 -25.23 1.27
CA ALA A 683 7.32 -25.38 2.63
C ALA A 683 6.02 -24.61 2.82
N ALA A 684 5.58 -24.46 4.08
CA ALA A 684 4.32 -23.79 4.36
C ALA A 684 4.47 -22.53 5.21
N ILE A 685 5.54 -22.41 6.01
CA ILE A 685 5.77 -21.24 6.85
C ILE A 685 7.22 -20.84 6.62
N ILE A 686 7.45 -19.85 5.76
CA ILE A 686 8.80 -19.47 5.36
C ILE A 686 9.18 -18.07 5.83
N ALA A 687 8.22 -17.21 6.15
CA ALA A 687 8.54 -15.89 6.68
C ALA A 687 7.60 -15.54 7.81
N LYS A 688 8.10 -14.77 8.77
CA LYS A 688 7.32 -14.33 9.91
C LYS A 688 7.90 -13.02 10.42
N ILE A 689 7.11 -11.94 10.33
CA ILE A 689 7.56 -10.63 10.80
C ILE A 689 7.77 -10.65 12.31
N ALA A 690 8.60 -9.74 12.80
CA ALA A 690 8.96 -9.70 14.21
C ALA A 690 9.30 -8.27 14.61
N ASP A 691 9.52 -8.08 15.92
CA ASP A 691 9.95 -6.81 16.52
C ASP A 691 8.92 -5.71 16.26
N TYR A 692 7.75 -5.90 16.89
CA TYR A 692 6.63 -4.97 16.76
C TYR A 692 6.82 -3.73 17.64
N GLY A 693 7.96 -3.05 17.52
CA GLY A 693 8.28 -1.99 18.46
C GLY A 693 7.44 -0.73 18.30
N ILE A 694 6.99 -0.45 17.08
CA ILE A 694 6.35 0.83 16.80
C ILE A 694 5.00 0.62 16.14
N ALA A 695 4.33 -0.49 16.45
CA ALA A 695 3.02 -0.80 15.86
C ALA A 695 1.94 -0.15 16.71
N GLN A 696 1.39 0.95 16.21
CA GLN A 696 0.33 1.70 16.86
C GLN A 696 -1.03 1.38 16.23
N TYR A 697 -2.09 1.61 17.01
CA TYR A 697 -3.44 1.46 16.48
C TYR A 697 -3.75 2.61 15.53
N CYS A 698 -4.43 2.30 14.43
CA CYS A 698 -4.70 3.30 13.41
C CYS A 698 -6.08 3.04 12.79
N CYS A 699 -7.08 3.77 13.27
CA CYS A 699 -8.41 3.73 12.69
C CYS A 699 -8.45 4.61 11.45
N ARG A 700 -9.65 4.89 10.94
CA ARG A 700 -9.80 5.74 9.77
C ARG A 700 -9.28 7.16 9.99
N MET A 701 -9.21 7.61 11.25
CA MET A 701 -8.67 8.94 11.53
C MET A 701 -7.21 9.05 11.11
N GLY A 702 -6.34 8.24 11.70
CA GLY A 702 -4.97 8.12 11.24
C GLY A 702 -3.98 8.39 12.35
N ILE A 703 -2.72 8.55 11.95
CA ILE A 703 -1.61 8.81 12.85
C ILE A 703 -1.00 10.16 12.50
N LYS A 704 -0.39 10.81 13.49
CA LYS A 704 0.25 12.11 13.29
C LYS A 704 1.74 12.12 13.60
N THR A 705 2.25 11.14 14.34
CA THR A 705 3.68 11.09 14.64
C THR A 705 4.46 10.63 13.41
N SER A 706 5.77 10.53 13.56
CA SER A 706 6.65 10.16 12.45
C SER A 706 7.79 9.31 13.01
N GLU A 707 7.75 8.02 12.72
CA GLU A 707 8.82 7.11 13.13
C GLU A 707 9.21 6.20 11.98
N GLY A 708 10.05 5.20 12.25
CA GLY A 708 10.60 4.35 11.22
C GLY A 708 12.11 4.33 11.26
N THR A 709 12.73 4.25 10.07
CA THR A 709 14.17 4.22 9.94
C THR A 709 14.57 4.74 8.57
N PRO A 710 15.62 5.55 8.47
CA PRO A 710 15.99 6.17 7.19
C PRO A 710 16.23 5.13 6.10
N GLY A 711 15.63 5.37 4.93
CA GLY A 711 15.78 4.47 3.81
C GLY A 711 14.56 3.60 3.56
N PHE A 712 13.96 3.09 4.64
CA PHE A 712 12.78 2.25 4.57
C PHE A 712 11.50 2.96 5.01
N ARG A 713 11.54 4.27 5.15
CA ARG A 713 10.38 5.03 5.56
C ARG A 713 9.53 5.41 4.36
N ALA A 714 8.23 5.57 4.59
CA ALA A 714 7.32 6.07 3.59
C ALA A 714 7.67 7.53 3.24
N PRO A 715 7.21 8.02 2.07
CA PRO A 715 7.50 9.42 1.72
C PRO A 715 6.93 10.43 2.71
N GLU A 716 5.62 10.37 2.96
CA GLU A 716 4.97 11.37 3.79
C GLU A 716 5.35 11.25 5.27
N VAL A 717 6.07 10.20 5.67
CA VAL A 717 6.55 10.10 7.04
C VAL A 717 7.66 11.12 7.29
N ALA A 718 8.52 11.34 6.29
CA ALA A 718 9.64 12.28 6.41
C ALA A 718 9.16 13.67 6.80
N ARG A 719 8.28 14.25 5.97
CA ARG A 719 7.62 15.52 6.30
C ARG A 719 6.53 15.24 7.33
N GLY A 720 6.95 15.09 8.59
CA GLY A 720 6.10 14.67 9.69
C GLY A 720 4.84 15.49 9.95
N ASN A 721 4.71 16.65 9.30
CA ASN A 721 3.55 17.50 9.52
C ASN A 721 2.26 16.81 9.09
N VAL A 722 2.27 16.20 7.90
CA VAL A 722 1.07 15.57 7.37
C VAL A 722 0.72 14.32 8.18
N ILE A 723 -0.57 14.00 8.23
CA ILE A 723 -1.07 12.82 8.92
C ILE A 723 -1.37 11.73 7.90
N TYR A 724 -0.91 10.51 8.19
CA TYR A 724 -1.02 9.41 7.25
C TYR A 724 -1.82 8.26 7.88
N ASN A 725 -2.01 7.23 7.07
CA ASN A 725 -2.88 6.11 7.43
C ASN A 725 -2.20 4.83 6.95
N GLN A 726 -2.97 3.75 6.83
CA GLN A 726 -2.44 2.40 6.60
C GLN A 726 -1.84 2.20 5.20
N GLN A 727 -1.63 3.24 4.39
CA GLN A 727 -0.99 3.08 3.08
C GLN A 727 0.40 3.71 3.05
N ALA A 728 0.89 4.18 4.19
CA ALA A 728 2.30 4.49 4.38
C ALA A 728 3.11 3.27 4.79
N ASP A 729 2.54 2.08 4.62
CA ASP A 729 3.19 0.80 4.90
C ASP A 729 3.47 0.00 3.64
N VAL A 730 2.53 0.00 2.69
CA VAL A 730 2.72 -0.66 1.40
C VAL A 730 3.95 -0.10 0.67
N TYR A 731 4.30 1.16 0.93
CA TYR A 731 5.53 1.71 0.36
C TYR A 731 6.76 1.01 0.93
N SER A 732 6.76 0.75 2.25
CA SER A 732 7.81 -0.07 2.84
C SER A 732 7.85 -1.46 2.21
N PHE A 733 6.70 -2.00 1.82
CA PHE A 733 6.69 -3.30 1.16
C PHE A 733 7.29 -3.21 -0.23
N GLY A 734 7.01 -2.13 -0.95
CA GLY A 734 7.66 -1.92 -2.24
C GLY A 734 9.17 -1.80 -2.11
N LEU A 735 9.64 -1.16 -1.04
CA LEU A 735 11.07 -1.04 -0.83
C LEU A 735 11.69 -2.39 -0.45
N LEU A 736 11.01 -3.18 0.38
CA LEU A 736 11.44 -4.54 0.64
C LEU A 736 11.51 -5.36 -0.64
N LEU A 737 10.54 -5.18 -1.54
CA LEU A 737 10.52 -5.93 -2.78
C LEU A 737 11.66 -5.50 -3.70
N TYR A 738 11.99 -4.20 -3.70
CA TYR A 738 13.14 -3.76 -4.49
C TYR A 738 14.45 -4.24 -3.88
N ASP A 739 14.48 -4.45 -2.56
CA ASP A 739 15.64 -5.06 -1.94
C ASP A 739 15.77 -6.53 -2.35
N ILE A 740 14.64 -7.24 -2.42
CA ILE A 740 14.68 -8.67 -2.74
C ILE A 740 15.05 -8.89 -4.21
N LEU A 741 14.42 -8.13 -5.12
CA LEU A 741 14.69 -8.27 -6.55
C LEU A 741 16.13 -7.95 -6.88
N THR A 742 16.74 -6.99 -6.19
CA THR A 742 18.14 -6.67 -6.42
C THR A 742 19.09 -7.72 -5.86
N THR A 743 18.59 -8.66 -5.05
CA THR A 743 19.39 -9.61 -4.28
C THR A 743 20.50 -8.87 -3.52
N GLY A 744 20.05 -7.98 -2.63
CA GLY A 744 20.93 -7.26 -1.72
C GLY A 744 22.04 -6.48 -2.37
N GLY A 745 21.70 -5.53 -3.23
CA GLY A 745 22.68 -4.60 -3.75
C GLY A 745 22.49 -3.19 -3.22
N ARG A 746 21.22 -2.76 -3.10
CA ARG A 746 20.92 -1.44 -2.58
C ARG A 746 21.35 -1.32 -1.12
N ILE A 747 20.97 -2.29 -0.29
CA ILE A 747 21.28 -2.20 1.13
C ILE A 747 22.78 -2.26 1.39
N VAL A 748 23.52 -3.00 0.57
CA VAL A 748 24.95 -3.12 0.82
C VAL A 748 25.71 -1.92 0.27
N GLU A 749 25.29 -1.39 -0.88
CA GLU A 749 25.89 -0.15 -1.36
C GLU A 749 25.45 1.08 -0.57
N GLY A 750 24.38 0.96 0.23
CA GLY A 750 23.93 2.07 1.04
C GLY A 750 24.27 1.96 2.52
N LEU A 751 24.79 0.81 2.95
CA LEU A 751 25.29 0.68 4.31
C LEU A 751 26.52 1.53 4.59
N LYS A 752 27.02 2.29 3.62
CA LYS A 752 28.15 3.18 3.82
C LYS A 752 27.70 4.56 4.28
N PHE A 753 26.84 5.20 3.50
CA PHE A 753 26.39 6.56 3.76
C PHE A 753 24.87 6.61 3.79
N PRO A 754 24.24 6.79 4.96
CA PRO A 754 22.78 6.94 5.00
C PRO A 754 22.23 8.13 4.22
N ASN A 755 23.08 9.06 3.79
CA ASN A 755 22.62 10.12 2.90
C ASN A 755 22.18 9.56 1.55
N GLU A 756 22.91 8.56 1.05
CA GLU A 756 22.50 7.89 -0.17
C GLU A 756 21.16 7.18 0.02
N PHE A 757 21.01 6.47 1.15
CA PHE A 757 19.76 5.77 1.43
C PHE A 757 18.60 6.72 1.73
N ASP A 758 18.88 7.99 2.03
CA ASP A 758 17.82 8.95 2.31
C ASP A 758 17.61 9.95 1.17
N GLU A 759 18.45 9.89 0.13
CA GLU A 759 18.21 10.72 -1.06
C GLU A 759 16.90 10.36 -1.74
N LEU A 760 16.45 9.11 -1.61
CA LEU A 760 15.17 8.65 -2.13
C LEU A 760 14.13 8.43 -1.05
N GLU A 761 14.36 8.99 0.15
CA GLU A 761 13.39 8.87 1.24
C GLU A 761 12.01 9.42 0.87
N ILE A 762 11.96 10.36 -0.07
CA ILE A 762 10.67 10.84 -0.56
C ILE A 762 10.30 10.09 -1.84
N GLN A 763 11.06 10.31 -2.91
CA GLN A 763 10.88 9.64 -4.20
C GLN A 763 11.95 10.14 -5.15
N GLY A 764 11.99 9.53 -6.33
CA GLY A 764 12.69 10.08 -7.47
C GLY A 764 14.16 9.74 -7.59
N LYS A 765 14.62 8.68 -6.93
CA LYS A 765 16.02 8.30 -7.06
C LYS A 765 16.20 6.78 -7.09
N LEU A 766 15.20 6.05 -7.58
CA LEU A 766 15.33 4.60 -7.68
C LEU A 766 15.60 4.21 -9.12
N PRO A 767 16.68 3.49 -9.41
CA PRO A 767 16.96 3.07 -10.79
C PRO A 767 16.01 1.99 -11.29
N ASP A 768 16.25 1.51 -12.51
CA ASP A 768 15.55 0.33 -13.00
C ASP A 768 16.40 -0.90 -12.74
N PRO A 769 15.89 -1.88 -11.97
CA PRO A 769 16.75 -2.94 -11.41
C PRO A 769 17.69 -3.64 -12.38
N VAL A 770 17.17 -4.19 -13.49
CA VAL A 770 17.95 -5.02 -14.40
C VAL A 770 19.14 -4.26 -15.02
N LYS A 771 19.10 -2.93 -15.00
CA LYS A 771 20.11 -2.14 -15.71
C LYS A 771 21.49 -2.27 -15.07
N GLU A 772 21.57 -2.24 -13.75
CA GLU A 772 22.85 -2.13 -13.06
C GLU A 772 23.24 -3.37 -12.27
N TYR A 773 22.38 -3.84 -11.37
CA TYR A 773 22.78 -4.84 -10.40
C TYR A 773 23.04 -6.21 -11.01
N GLY A 774 22.71 -6.43 -12.28
CA GLY A 774 23.02 -7.68 -12.94
C GLY A 774 22.03 -8.80 -12.71
N CYS A 775 20.87 -8.51 -12.13
CA CYS A 775 19.88 -9.54 -11.86
C CYS A 775 19.24 -10.02 -13.17
N ALA A 776 18.33 -10.96 -13.04
CA ALA A 776 17.55 -11.43 -14.16
C ALA A 776 16.17 -10.79 -14.15
N PRO A 777 15.56 -10.57 -15.31
CA PRO A 777 14.26 -9.88 -15.35
C PRO A 777 13.16 -10.71 -14.69
N TRP A 778 12.06 -10.02 -14.39
CA TRP A 778 10.92 -10.62 -13.72
C TRP A 778 9.70 -9.75 -13.99
N PRO A 779 9.27 -9.66 -15.24
CA PRO A 779 8.55 -8.45 -15.70
C PRO A 779 7.07 -8.40 -15.35
N MET A 780 6.62 -9.22 -14.41
CA MET A 780 5.34 -8.96 -13.76
C MET A 780 5.53 -8.52 -12.31
N VAL A 781 6.76 -8.37 -11.86
CA VAL A 781 7.06 -7.71 -10.59
C VAL A 781 7.45 -6.25 -10.82
N GLU A 782 8.34 -6.01 -11.78
CA GLU A 782 8.72 -4.65 -12.18
C GLU A 782 7.50 -3.80 -12.53
N LYS A 783 6.43 -4.42 -13.02
CA LYS A 783 5.19 -3.69 -13.27
C LYS A 783 4.49 -3.34 -11.97
N LEU A 784 4.61 -4.20 -10.95
CA LEU A 784 4.02 -3.92 -9.66
C LEU A 784 4.88 -2.95 -8.85
N ILE A 785 6.21 -3.11 -8.95
CA ILE A 785 7.13 -2.39 -8.08
C ILE A 785 7.05 -0.88 -8.28
N LYS A 786 6.62 -0.42 -9.45
CA LYS A 786 6.35 0.98 -9.68
C LYS A 786 4.90 1.35 -9.38
N GLN A 787 4.00 0.38 -9.45
CA GLN A 787 2.59 0.58 -9.18
C GLN A 787 2.30 0.69 -7.68
N CYS A 788 3.24 0.33 -6.83
CA CYS A 788 3.13 0.50 -5.38
C CYS A 788 4.32 1.31 -4.85
N LEU A 789 4.69 2.36 -5.58
CA LEU A 789 5.83 3.19 -5.20
C LEU A 789 5.55 4.67 -5.47
N LYS A 790 4.34 5.03 -5.88
CA LYS A 790 4.06 6.39 -6.29
C LYS A 790 3.86 7.29 -5.07
N GLU A 791 3.89 8.60 -5.33
CA GLU A 791 3.76 9.57 -4.24
C GLU A 791 2.33 9.65 -3.73
N ASN A 792 1.37 9.83 -4.64
CA ASN A 792 -0.05 10.00 -4.33
C ASN A 792 -0.57 8.82 -3.50
N PRO A 793 -0.89 9.04 -2.22
CA PRO A 793 -1.25 7.92 -1.33
C PRO A 793 -2.54 7.20 -1.69
N GLN A 794 -3.24 7.58 -2.76
CA GLN A 794 -4.39 6.83 -3.23
C GLN A 794 -4.07 5.96 -4.44
N GLU A 795 -3.00 6.29 -5.19
CA GLU A 795 -2.63 5.48 -6.34
C GLU A 795 -1.97 4.17 -5.94
N ARG A 796 -1.49 4.05 -4.70
CA ARG A 796 -0.94 2.78 -4.25
C ARG A 796 -2.07 1.79 -3.99
N PRO A 797 -1.81 0.49 -4.15
CA PRO A 797 -2.85 -0.50 -3.88
C PRO A 797 -3.16 -0.63 -2.40
N THR A 798 -4.31 -1.21 -2.12
CA THR A 798 -4.64 -1.63 -0.76
C THR A 798 -4.06 -3.01 -0.52
N SER A 799 -3.71 -3.29 0.74
CA SER A 799 -2.99 -4.51 1.09
C SER A 799 -3.65 -5.77 0.54
N ALA A 800 -4.98 -5.81 0.52
CA ALA A 800 -5.69 -6.90 -0.14
C ALA A 800 -5.34 -6.96 -1.62
N GLN A 801 -5.35 -5.81 -2.31
CA GLN A 801 -5.07 -5.79 -3.74
C GLN A 801 -3.61 -6.11 -4.04
N VAL A 802 -2.68 -5.88 -3.09
CA VAL A 802 -1.29 -6.22 -3.31
C VAL A 802 -0.97 -7.60 -2.78
N PHE A 803 -1.95 -8.28 -2.17
CA PHE A 803 -1.84 -9.70 -1.89
C PHE A 803 -2.52 -10.57 -2.94
N ASP A 804 -3.53 -10.05 -3.63
CA ASP A 804 -4.22 -10.77 -4.68
C ASP A 804 -3.57 -10.60 -6.05
N ILE A 805 -2.40 -9.96 -6.12
CA ILE A 805 -1.63 -9.93 -7.36
C ILE A 805 -0.51 -10.96 -7.29
N LEU A 806 0.02 -11.18 -6.08
CA LEU A 806 1.05 -12.19 -5.92
C LEU A 806 0.50 -13.60 -5.82
N ASN A 807 -0.75 -13.77 -5.41
CA ASN A 807 -1.36 -15.10 -5.32
C ASN A 807 -1.87 -15.51 -6.71
N SER A 808 -0.93 -15.57 -7.66
CA SER A 808 -1.26 -15.96 -9.03
C SER A 808 -0.01 -16.51 -9.69
N ALA A 809 -0.04 -17.77 -10.11
CA ALA A 809 1.14 -18.37 -10.71
C ALA A 809 1.48 -17.80 -12.08
N GLU A 810 0.73 -16.80 -12.57
CA GLU A 810 1.09 -16.06 -13.78
C GLU A 810 2.21 -15.06 -13.55
N LEU A 811 2.70 -14.91 -12.31
CA LEU A 811 3.68 -13.90 -11.95
C LEU A 811 5.05 -14.48 -11.60
N VAL A 812 5.09 -15.73 -11.14
CA VAL A 812 6.33 -16.43 -10.86
C VAL A 812 6.92 -17.08 -12.10
N CYS A 813 6.12 -17.40 -13.11
CA CYS A 813 6.61 -18.15 -14.25
C CYS A 813 6.72 -17.35 -15.55
N LEU A 814 7.09 -16.06 -15.52
CA LEU A 814 7.68 -15.57 -16.75
C LEU A 814 9.19 -15.54 -16.58
N THR A 815 9.93 -15.13 -17.62
CA THR A 815 11.35 -14.90 -17.45
C THR A 815 11.77 -13.59 -18.11
N ARG A 816 11.01 -13.17 -19.12
CA ARG A 816 11.29 -11.95 -19.86
C ARG A 816 10.01 -11.44 -20.51
N ARG A 817 10.08 -10.20 -20.99
CA ARG A 817 9.02 -9.60 -21.81
C ARG A 817 9.68 -8.50 -22.63
N ILE A 818 9.85 -8.76 -23.92
CA ILE A 818 10.45 -7.82 -24.84
C ILE A 818 9.35 -7.09 -25.59
N LEU A 819 9.69 -5.93 -26.17
CA LEU A 819 8.78 -5.14 -26.99
C LEU A 819 9.45 -4.89 -28.33
N LEU A 820 8.66 -4.89 -29.39
CA LEU A 820 9.12 -4.61 -30.74
C LEU A 820 8.63 -3.25 -31.22
N PRO A 821 9.29 -2.63 -32.23
CA PRO A 821 8.91 -1.28 -32.66
C PRO A 821 7.49 -1.16 -33.19
N LYS A 822 7.07 0.06 -33.50
CA LYS A 822 5.76 0.31 -34.06
C LYS A 822 5.74 0.03 -35.56
N ASN A 823 4.53 -0.23 -36.07
CA ASN A 823 4.27 -0.49 -37.49
C ASN A 823 5.07 -1.68 -38.01
N VAL A 824 5.00 -2.78 -37.28
CA VAL A 824 5.60 -4.05 -37.72
C VAL A 824 4.87 -5.18 -37.00
N ILE A 825 4.62 -6.26 -37.75
CA ILE A 825 3.90 -7.42 -37.22
C ILE A 825 4.88 -8.59 -37.19
N VAL A 826 4.44 -9.74 -36.70
CA VAL A 826 5.24 -10.95 -36.74
C VAL A 826 4.32 -12.16 -36.85
N GLU A 827 4.58 -13.01 -37.84
CA GLU A 827 3.76 -14.22 -38.05
C GLU A 827 4.62 -15.42 -38.41
N CYS A 828 5.89 -15.43 -38.03
CA CYS A 828 6.79 -16.53 -38.40
C CYS A 828 8.02 -16.46 -37.50
N MET A 829 8.34 -17.59 -36.86
CA MET A 829 9.35 -17.64 -35.83
C MET A 829 10.20 -18.91 -35.93
N VAL A 830 11.50 -18.76 -35.70
CA VAL A 830 12.41 -19.90 -35.59
C VAL A 830 13.49 -19.57 -34.56
N ALA A 831 13.61 -20.41 -33.54
CA ALA A 831 14.65 -20.24 -32.52
C ALA A 831 15.95 -20.87 -33.01
N THR A 832 16.94 -20.95 -32.13
CA THR A 832 18.23 -21.57 -32.41
C THR A 832 18.65 -22.35 -31.17
N HIS A 833 18.43 -23.66 -31.19
CA HIS A 833 18.83 -24.54 -30.10
C HIS A 833 20.32 -24.88 -30.11
N HIS A 834 21.04 -24.54 -31.18
CA HIS A 834 22.47 -24.81 -31.26
C HIS A 834 23.30 -23.98 -30.28
N ASN A 835 22.68 -23.03 -29.57
CA ASN A 835 23.32 -22.27 -28.49
C ASN A 835 24.52 -21.46 -29.00
N SER A 836 24.32 -20.76 -30.11
CA SER A 836 25.32 -19.80 -30.57
C SER A 836 25.50 -18.68 -29.55
N ARG A 837 24.45 -17.90 -29.31
CA ARG A 837 24.36 -17.01 -28.16
C ARG A 837 23.32 -17.50 -27.16
N ASN A 838 22.89 -18.77 -27.30
CA ASN A 838 21.89 -19.49 -26.50
C ASN A 838 20.48 -19.02 -26.81
N ALA A 839 20.35 -17.91 -27.55
CA ALA A 839 19.09 -17.47 -28.15
C ALA A 839 19.36 -16.39 -29.18
N SER A 840 19.11 -16.70 -30.46
CA SER A 840 19.28 -15.76 -31.56
C SER A 840 18.02 -15.77 -32.42
N ILE A 841 16.88 -15.57 -31.76
CA ILE A 841 15.54 -15.72 -32.34
C ILE A 841 15.39 -14.86 -33.61
N TRP A 842 15.12 -15.52 -34.73
CA TRP A 842 14.70 -14.83 -35.94
C TRP A 842 13.21 -14.56 -35.90
N LEU A 843 12.78 -13.57 -36.69
CA LEU A 843 11.36 -13.22 -36.78
C LEU A 843 11.03 -12.89 -38.24
N GLY A 844 10.58 -13.89 -38.98
CA GLY A 844 10.09 -13.64 -40.33
C GLY A 844 8.82 -12.81 -40.29
N CYS A 845 8.75 -11.81 -41.16
CA CYS A 845 7.57 -10.96 -41.23
C CYS A 845 7.33 -10.56 -42.68
N GLY A 846 6.08 -10.22 -42.98
CA GLY A 846 5.70 -9.87 -44.33
C GLY A 846 4.73 -8.70 -44.43
N HIS A 847 4.85 -7.74 -43.50
CA HIS A 847 3.92 -6.61 -43.46
C HIS A 847 3.96 -5.81 -44.77
N THR A 848 5.15 -5.36 -45.17
CA THR A 848 5.30 -4.71 -46.46
C THR A 848 5.22 -5.75 -47.58
N ASP A 849 5.22 -5.26 -48.82
CA ASP A 849 5.27 -6.15 -49.98
C ASP A 849 6.54 -7.01 -49.93
N ARG A 850 7.69 -6.38 -49.79
CA ARG A 850 8.94 -7.10 -49.59
C ARG A 850 8.92 -7.83 -48.24
N GLY A 851 9.60 -8.97 -48.19
CA GLY A 851 9.65 -9.76 -46.97
C GLY A 851 10.83 -9.43 -46.10
N GLN A 852 10.57 -9.00 -44.87
CA GLN A 852 11.63 -8.66 -43.93
C GLN A 852 12.09 -9.90 -43.18
N LEU A 853 13.31 -9.83 -42.65
CA LEU A 853 13.90 -10.92 -41.87
C LEU A 853 14.63 -10.27 -40.70
N SER A 854 13.93 -10.14 -39.57
CA SER A 854 14.56 -9.65 -38.37
C SER A 854 15.51 -10.70 -37.78
N PHE A 855 16.34 -10.26 -36.84
CA PHE A 855 17.24 -11.15 -36.12
C PHE A 855 17.42 -10.58 -34.71
N LEU A 856 16.61 -11.07 -33.78
CA LEU A 856 16.64 -10.58 -32.41
C LEU A 856 17.58 -11.44 -31.57
N ASP A 857 18.38 -10.77 -30.74
CA ASP A 857 19.16 -11.43 -29.70
C ASP A 857 18.46 -11.23 -28.38
N LEU A 858 18.52 -12.24 -27.51
CA LEU A 858 17.73 -12.20 -26.28
C LEU A 858 18.44 -11.39 -25.20
N ASN A 859 19.64 -11.80 -24.82
CA ASN A 859 20.35 -11.22 -23.68
C ASN A 859 20.81 -9.78 -23.92
N THR A 860 20.61 -9.24 -25.12
CA THR A 860 21.04 -7.89 -25.45
C THR A 860 19.94 -7.06 -26.11
N GLU A 861 18.92 -7.69 -26.67
CA GLU A 861 17.78 -7.03 -27.32
C GLU A 861 18.25 -6.16 -28.50
N GLY A 862 18.85 -6.83 -29.48
CA GLY A 862 19.26 -6.17 -30.70
C GLY A 862 18.35 -6.48 -31.87
N TYR A 863 17.56 -5.51 -32.29
CA TYR A 863 16.56 -5.70 -33.35
C TYR A 863 17.15 -5.20 -34.67
N THR A 864 18.00 -6.04 -35.27
CA THR A 864 18.68 -5.71 -36.51
C THR A 864 17.96 -6.35 -37.68
N SER A 865 16.84 -5.74 -38.06
CA SER A 865 16.02 -6.28 -39.15
C SER A 865 16.73 -6.09 -40.49
N GLU A 866 16.28 -6.85 -41.49
CA GLU A 866 16.85 -6.76 -42.83
C GLU A 866 15.87 -7.36 -43.82
N GLU A 867 15.38 -6.54 -44.75
CA GLU A 867 14.46 -7.00 -45.79
C GLU A 867 15.25 -7.62 -46.92
N VAL A 868 15.15 -8.94 -47.07
CA VAL A 868 15.98 -9.66 -48.03
C VAL A 868 15.10 -10.52 -48.94
N ALA A 869 13.79 -10.27 -48.93
CA ALA A 869 12.85 -11.05 -49.71
C ALA A 869 11.93 -10.12 -50.51
N ASP A 870 11.28 -10.70 -51.51
CA ASP A 870 10.37 -9.97 -52.39
C ASP A 870 8.90 -10.11 -51.97
N SER A 871 8.50 -11.28 -51.47
CA SER A 871 7.15 -11.54 -51.01
C SER A 871 7.18 -11.90 -49.52
N ARG A 872 6.01 -12.19 -48.97
CA ARG A 872 5.88 -12.48 -47.54
C ARG A 872 6.65 -13.73 -47.16
N ILE A 873 7.17 -13.74 -45.94
CA ILE A 873 7.92 -14.88 -45.39
C ILE A 873 6.95 -15.65 -44.51
N LEU A 874 6.32 -16.68 -45.09
CA LEU A 874 5.34 -17.46 -44.36
C LEU A 874 5.98 -18.27 -43.24
N CYS A 875 6.93 -19.14 -43.59
CA CYS A 875 7.50 -20.10 -42.66
C CYS A 875 9.02 -20.06 -42.69
N LEU A 876 9.62 -20.21 -41.52
CA LEU A 876 11.06 -20.39 -41.39
C LEU A 876 11.34 -21.78 -40.83
N ALA A 877 12.60 -22.19 -40.93
CA ALA A 877 13.04 -23.47 -40.39
C ALA A 877 14.56 -23.46 -40.26
N LEU A 878 15.06 -24.21 -39.28
CA LEU A 878 16.48 -24.27 -39.00
C LEU A 878 16.93 -25.73 -38.92
N VAL A 879 18.14 -26.01 -39.40
CA VAL A 879 18.76 -27.32 -39.33
C VAL A 879 20.24 -27.15 -39.04
N HIS A 880 20.68 -27.59 -37.87
CA HIS A 880 22.10 -27.56 -37.50
C HIS A 880 22.77 -28.83 -38.02
N LEU A 881 23.27 -28.76 -39.25
CA LEU A 881 23.84 -29.91 -39.95
C LEU A 881 24.99 -30.51 -39.16
N PRO A 882 24.95 -31.79 -38.80
CA PRO A 882 26.11 -32.42 -38.17
C PRO A 882 27.26 -32.67 -39.15
N VAL A 883 26.96 -32.77 -40.44
CA VAL A 883 28.01 -32.92 -41.45
C VAL A 883 28.84 -31.66 -41.48
N GLU A 884 30.12 -31.77 -41.11
CA GLU A 884 31.08 -30.67 -41.01
C GLU A 884 30.68 -29.61 -39.99
N LYS A 885 29.72 -29.92 -39.11
CA LYS A 885 29.25 -29.03 -38.04
C LYS A 885 28.77 -27.69 -38.62
N GLU A 886 27.72 -27.76 -39.43
CA GLU A 886 27.16 -26.60 -40.09
C GLU A 886 25.78 -26.27 -39.53
N SER A 887 25.24 -25.13 -39.95
CA SER A 887 23.91 -24.69 -39.57
C SER A 887 23.47 -23.64 -40.56
N TRP A 888 22.35 -23.88 -41.24
CA TRP A 888 21.89 -23.03 -42.34
C TRP A 888 20.38 -22.86 -42.23
N ILE A 889 19.96 -21.70 -41.73
CA ILE A 889 18.53 -21.39 -41.64
C ILE A 889 17.94 -21.34 -43.05
N VAL A 890 16.69 -21.78 -43.18
CA VAL A 890 15.99 -21.82 -44.46
C VAL A 890 14.64 -21.13 -44.29
N SER A 891 14.21 -20.43 -45.34
CA SER A 891 12.99 -19.63 -45.33
C SER A 891 12.02 -20.12 -46.41
N GLY A 892 10.93 -19.37 -46.57
CA GLY A 892 9.96 -19.64 -47.61
C GLY A 892 9.23 -18.36 -47.95
N THR A 893 8.72 -18.29 -49.18
CA THR A 893 8.12 -17.07 -49.68
C THR A 893 6.69 -17.32 -50.17
N GLN A 894 5.86 -16.29 -50.05
CA GLN A 894 4.53 -16.33 -50.65
C GLN A 894 4.60 -16.42 -52.17
N SER A 895 5.66 -15.88 -52.77
CA SER A 895 5.89 -16.04 -54.19
C SER A 895 6.34 -17.45 -54.57
N GLY A 896 6.57 -18.32 -53.59
CA GLY A 896 7.03 -19.66 -53.86
C GLY A 896 8.50 -19.73 -54.24
N THR A 897 9.36 -19.37 -53.30
CA THR A 897 10.81 -19.41 -53.51
C THR A 897 11.46 -19.96 -52.24
N LEU A 898 12.54 -20.69 -52.44
CA LEU A 898 13.24 -21.37 -51.34
C LEU A 898 14.55 -20.62 -51.14
N LEU A 899 14.55 -19.67 -50.20
CA LEU A 899 15.75 -18.94 -49.82
C LEU A 899 16.51 -19.71 -48.75
N VAL A 900 17.82 -19.47 -48.70
CA VAL A 900 18.71 -20.14 -47.75
C VAL A 900 19.80 -19.16 -47.34
N ILE A 901 20.02 -19.03 -46.03
CA ILE A 901 21.03 -18.13 -45.48
C ILE A 901 21.87 -18.90 -44.47
N ASN A 902 23.18 -18.68 -44.50
CA ASN A 902 24.06 -19.30 -43.52
C ASN A 902 23.88 -18.66 -42.16
N THR A 903 23.73 -19.50 -41.12
CA THR A 903 23.55 -18.98 -39.77
C THR A 903 24.82 -18.32 -39.24
N GLU A 904 25.99 -18.64 -39.80
CA GLU A 904 27.25 -18.06 -39.40
C GLU A 904 27.80 -17.06 -40.41
N ASP A 905 27.68 -17.35 -41.71
CA ASP A 905 28.14 -16.46 -42.76
C ASP A 905 26.99 -15.54 -43.15
N GLY A 906 27.09 -14.26 -42.75
CA GLY A 906 26.03 -13.29 -42.95
C GLY A 906 25.68 -13.01 -44.40
N LYS A 907 26.48 -13.46 -45.34
CA LYS A 907 26.25 -13.21 -46.77
C LYS A 907 26.42 -14.53 -47.52
N LYS A 908 25.34 -15.30 -47.61
CA LYS A 908 25.29 -16.49 -48.47
C LYS A 908 23.84 -16.72 -48.85
N ARG A 909 23.44 -16.21 -50.01
CA ARG A 909 22.06 -16.33 -50.48
C ARG A 909 21.92 -17.49 -51.46
N HIS A 910 22.18 -18.70 -50.96
CA HIS A 910 22.15 -19.91 -51.78
C HIS A 910 20.70 -20.32 -52.05
N THR A 911 20.03 -19.51 -52.87
CA THR A 911 18.65 -19.77 -53.24
C THR A 911 18.52 -21.09 -54.00
N LEU A 912 17.51 -21.88 -53.63
CA LEU A 912 17.31 -23.21 -54.19
C LEU A 912 16.21 -23.18 -55.24
N GLU A 913 15.97 -24.33 -55.86
CA GLU A 913 14.98 -24.46 -56.91
C GLU A 913 13.58 -24.15 -56.38
N LYS A 914 12.97 -23.09 -56.92
CA LYS A 914 11.65 -22.67 -56.49
C LYS A 914 10.61 -23.73 -56.84
N MET A 915 9.78 -24.09 -55.87
CA MET A 915 8.71 -25.04 -56.10
C MET A 915 7.69 -24.50 -57.10
N THR A 916 6.82 -25.39 -57.58
CA THR A 916 5.83 -25.03 -58.60
C THR A 916 4.70 -24.16 -58.07
N ASP A 917 4.67 -23.87 -56.77
CA ASP A 917 3.62 -23.05 -56.19
C ASP A 917 4.17 -22.35 -54.96
N SER A 918 3.28 -21.76 -54.17
CA SER A 918 3.68 -20.99 -52.99
C SER A 918 4.25 -21.91 -51.92
N VAL A 919 4.69 -21.30 -50.82
CA VAL A 919 5.28 -22.01 -49.70
C VAL A 919 4.32 -21.89 -48.52
N THR A 920 4.07 -23.00 -47.83
CA THR A 920 3.11 -23.01 -46.74
C THR A 920 3.70 -23.35 -45.38
N CYS A 921 4.58 -24.36 -45.30
CA CYS A 921 5.21 -24.69 -44.03
C CYS A 921 6.47 -25.49 -44.31
N LEU A 922 7.37 -25.51 -43.32
CA LEU A 922 8.59 -26.30 -43.37
C LEU A 922 8.88 -26.84 -41.97
N TYR A 923 9.64 -27.94 -41.92
CA TYR A 923 9.96 -28.59 -40.67
C TYR A 923 11.12 -29.53 -40.89
N CYS A 924 11.97 -29.65 -39.86
CA CYS A 924 13.08 -30.59 -39.87
C CYS A 924 12.63 -31.98 -39.46
N GLN A 933 20.75 -40.57 -38.55
CA GLN A 933 19.30 -40.35 -38.65
C GLN A 933 18.90 -40.01 -40.07
N LYS A 934 17.67 -39.54 -40.24
CA LYS A 934 17.12 -39.15 -41.54
C LYS A 934 16.68 -37.69 -41.46
N ASN A 935 17.61 -36.78 -41.73
CA ASN A 935 17.32 -35.35 -41.72
C ASN A 935 16.93 -34.90 -43.13
N PHE A 936 15.79 -34.22 -43.22
CA PHE A 936 15.29 -33.75 -44.52
C PHE A 936 14.20 -32.70 -44.33
N LEU A 937 14.29 -31.60 -45.07
CA LEU A 937 13.31 -30.52 -44.99
C LEU A 937 12.00 -30.97 -45.65
N LEU A 938 10.95 -31.13 -44.85
CA LEU A 938 9.65 -31.55 -45.35
C LEU A 938 8.77 -30.33 -45.66
N VAL A 939 9.28 -29.51 -46.59
CA VAL A 939 8.61 -28.26 -46.97
C VAL A 939 7.21 -28.55 -47.50
N GLY A 940 6.25 -27.69 -47.13
CA GLY A 940 4.87 -27.81 -47.58
C GLY A 940 4.51 -26.65 -48.48
N THR A 941 3.84 -26.96 -49.59
CA THR A 941 3.43 -25.96 -50.57
C THR A 941 1.93 -25.75 -50.50
N ALA A 942 1.47 -24.70 -51.19
CA ALA A 942 0.04 -24.42 -51.24
C ALA A 942 -0.69 -25.40 -52.15
N ASP A 943 -0.03 -25.88 -53.21
CA ASP A 943 -0.64 -26.78 -54.18
C ASP A 943 -0.94 -28.16 -53.63
N GLY A 944 -0.62 -28.44 -52.37
CA GLY A 944 -0.88 -29.75 -51.80
C GLY A 944 0.13 -30.82 -52.13
N LYS A 945 1.35 -30.44 -52.50
CA LYS A 945 2.40 -31.40 -52.87
C LYS A 945 3.49 -31.37 -51.81
N LEU A 946 3.88 -32.56 -51.35
CA LEU A 946 4.99 -32.66 -50.41
C LEU A 946 6.28 -32.24 -51.10
N ALA A 947 6.98 -31.26 -50.52
CA ALA A 947 8.25 -30.78 -51.05
C ALA A 947 9.36 -31.23 -50.10
N ILE A 948 10.20 -32.13 -50.56
CA ILE A 948 11.22 -32.75 -49.73
C ILE A 948 12.60 -32.41 -50.30
N PHE A 949 13.58 -32.30 -49.41
CA PHE A 949 14.95 -32.05 -49.84
C PHE A 949 15.93 -33.01 -49.15
N GLU A 950 17.22 -32.77 -49.34
CA GLU A 950 18.27 -33.55 -48.70
C GLU A 950 19.07 -32.65 -47.78
N ASP A 951 19.33 -33.13 -46.56
CA ASP A 951 20.10 -32.35 -45.58
C ASP A 951 21.49 -32.01 -46.10
N LYS A 952 22.12 -32.94 -46.83
CA LYS A 952 23.44 -32.69 -47.39
C LYS A 952 23.41 -31.78 -48.61
N THR A 953 22.24 -31.55 -49.20
CA THR A 953 22.12 -30.70 -50.38
C THR A 953 22.07 -29.22 -50.05
N VAL A 954 22.42 -28.83 -48.81
CA VAL A 954 22.40 -27.42 -48.43
C VAL A 954 23.49 -26.64 -49.16
N LYS A 955 24.68 -27.21 -49.26
CA LYS A 955 25.81 -26.53 -49.90
C LYS A 955 25.59 -26.29 -51.39
N LEU A 956 24.56 -26.88 -52.00
CA LEU A 956 24.28 -26.65 -53.40
C LEU A 956 23.60 -25.30 -53.60
N LYS A 957 23.46 -24.90 -54.86
CA LYS A 957 22.82 -23.64 -55.24
C LYS A 957 21.77 -23.96 -56.30
N GLY A 958 20.58 -24.32 -55.85
CA GLY A 958 19.50 -24.65 -56.76
C GLY A 958 19.45 -26.12 -57.08
N ALA A 959 18.42 -26.82 -56.59
CA ALA A 959 18.28 -28.25 -56.76
C ALA A 959 16.91 -28.69 -56.26
N ALA A 960 16.40 -29.77 -56.85
CA ALA A 960 15.23 -30.50 -56.36
C ALA A 960 15.70 -31.89 -55.98
N PRO A 961 16.21 -32.08 -54.74
CA PRO A 961 16.91 -33.32 -54.38
C PRO A 961 16.12 -34.60 -54.57
N LEU A 962 14.96 -34.71 -53.93
CA LEU A 962 14.15 -35.92 -54.01
C LEU A 962 12.80 -35.59 -54.65
N LYS A 963 12.12 -36.64 -55.11
CA LYS A 963 10.90 -36.50 -55.89
C LYS A 963 9.80 -35.80 -55.09
N ILE A 964 8.96 -35.06 -55.80
CA ILE A 964 7.83 -34.38 -55.20
C ILE A 964 6.67 -35.36 -55.08
N LEU A 965 5.92 -35.25 -53.98
CA LEU A 965 4.77 -36.12 -53.72
C LEU A 965 3.51 -35.27 -53.73
N ASN A 966 2.85 -35.22 -54.88
CA ASN A 966 1.60 -34.49 -55.05
C ASN A 966 0.47 -35.30 -54.44
N ILE A 967 0.22 -35.10 -53.15
CA ILE A 967 -0.78 -35.88 -52.42
C ILE A 967 -1.98 -34.98 -52.16
N GLY A 968 -2.17 -33.97 -53.00
CA GLY A 968 -3.31 -33.08 -52.83
C GLY A 968 -3.63 -32.36 -54.12
N ASN A 969 -4.75 -31.63 -54.09
CA ASN A 969 -5.21 -30.86 -55.23
C ASN A 969 -4.88 -29.39 -55.03
N VAL A 970 -5.29 -28.57 -56.01
CA VAL A 970 -5.07 -27.13 -55.92
C VAL A 970 -5.87 -26.51 -54.78
N SER A 971 -6.99 -27.13 -54.39
CA SER A 971 -7.83 -26.62 -53.32
C SER A 971 -7.46 -27.22 -51.96
N THR A 972 -6.28 -27.80 -51.82
CA THR A 972 -5.83 -28.40 -50.56
C THR A 972 -4.56 -27.69 -50.08
N PRO A 973 -4.66 -26.80 -49.10
CA PRO A 973 -3.46 -26.10 -48.61
C PRO A 973 -2.67 -26.96 -47.64
N LEU A 974 -1.50 -27.42 -48.07
CA LEU A 974 -0.65 -28.31 -47.28
C LEU A 974 0.17 -27.46 -46.32
N MET A 975 -0.49 -26.98 -45.26
CA MET A 975 0.16 -26.22 -44.18
C MET A 975 -0.24 -26.87 -42.87
N CYS A 976 0.46 -27.95 -42.51
CA CYS A 976 0.15 -28.69 -41.31
C CYS A 976 1.34 -29.20 -40.51
N LEU A 977 2.56 -29.19 -41.06
CA LEU A 977 3.61 -30.13 -40.69
C LEU A 977 3.89 -30.17 -39.18
N SER A 978 4.31 -31.33 -38.72
CA SER A 978 4.64 -31.55 -37.32
C SER A 978 5.60 -32.73 -37.21
N GLU A 979 5.84 -33.20 -36.00
CA GLU A 979 6.75 -34.31 -35.75
C GLU A 979 6.08 -35.34 -34.86
N SER A 980 6.84 -36.33 -34.40
CA SER A 980 6.33 -37.38 -33.54
C SER A 980 6.99 -37.31 -32.17
N THR A 981 6.30 -37.82 -31.16
CA THR A 981 6.81 -37.78 -29.79
C THR A 981 6.77 -39.16 -29.14
N ASN A 982 5.82 -40.00 -29.56
CA ASN A 982 5.68 -41.33 -29.00
C ASN A 982 6.89 -42.18 -29.35
N SER A 983 7.74 -42.44 -28.35
CA SER A 983 9.00 -43.19 -28.48
C SER A 983 9.97 -42.53 -29.47
N THR A 984 9.75 -41.25 -29.78
CA THR A 984 10.58 -40.47 -30.70
C THR A 984 10.67 -41.11 -32.09
N GLU A 985 9.68 -41.92 -32.45
CA GLU A 985 9.66 -42.63 -33.73
C GLU A 985 9.28 -41.64 -34.83
N ARG A 986 10.29 -40.88 -35.28
CA ARG A 986 10.10 -39.91 -36.36
C ARG A 986 9.59 -40.55 -37.65
N ASN A 987 9.83 -41.84 -37.85
CA ASN A 987 9.26 -42.58 -38.97
C ASN A 987 7.73 -42.69 -38.90
N VAL A 988 7.10 -42.24 -37.82
CA VAL A 988 5.65 -42.17 -37.74
C VAL A 988 5.18 -40.72 -37.95
N MET A 989 5.98 -39.91 -38.65
CA MET A 989 5.73 -38.49 -38.87
C MET A 989 4.30 -38.24 -39.38
N TRP A 990 3.53 -37.51 -38.60
CA TRP A 990 2.13 -37.27 -38.90
C TRP A 990 1.97 -35.98 -39.70
N GLY A 991 0.74 -35.54 -39.86
CA GLY A 991 0.45 -34.34 -40.63
C GLY A 991 -0.93 -34.44 -41.25
N GLY A 992 -1.21 -33.51 -42.16
CA GLY A 992 -2.47 -33.56 -42.88
C GLY A 992 -2.55 -32.66 -44.10
N CYS A 993 -2.93 -33.23 -45.24
CA CYS A 993 -3.02 -32.48 -46.49
C CYS A 993 -4.39 -31.80 -46.56
N GLY A 994 -4.40 -30.48 -46.48
CA GLY A 994 -5.64 -29.71 -46.50
C GLY A 994 -6.59 -30.16 -45.42
N THR A 995 -7.87 -30.22 -45.77
CA THR A 995 -8.90 -30.71 -44.85
C THR A 995 -8.97 -32.24 -44.92
N LYS A 996 -7.83 -32.86 -44.59
CA LYS A 996 -7.66 -34.31 -44.60
C LYS A 996 -6.37 -34.64 -43.85
N ILE A 997 -6.33 -35.81 -43.25
CA ILE A 997 -5.21 -36.26 -42.41
C ILE A 997 -4.46 -37.36 -43.15
N PHE A 998 -3.13 -37.34 -43.07
CA PHE A 998 -2.33 -38.41 -43.65
C PHE A 998 -1.09 -38.62 -42.80
N SER A 999 -0.34 -39.68 -43.12
CA SER A 999 0.93 -39.97 -42.49
C SER A 999 1.79 -40.75 -43.48
N PHE A 1000 3.04 -40.97 -43.10
CA PHE A 1000 3.99 -41.69 -43.93
C PHE A 1000 5.21 -42.04 -43.10
N SER A 1001 6.16 -42.74 -43.72
CA SER A 1001 7.40 -43.14 -43.08
C SER A 1001 8.59 -42.79 -43.97
N ASN A 1002 9.78 -43.30 -43.62
CA ASN A 1002 10.95 -43.11 -44.49
C ASN A 1002 10.74 -43.73 -45.87
N ASP A 1003 9.83 -44.70 -46.00
CA ASP A 1003 9.41 -45.21 -47.31
C ASP A 1003 8.62 -44.18 -48.11
N PHE A 1004 8.15 -43.11 -47.46
CA PHE A 1004 7.45 -41.99 -48.12
C PHE A 1004 6.17 -42.44 -48.81
N THR A 1005 5.55 -43.51 -48.31
CA THR A 1005 4.27 -43.98 -48.78
C THR A 1005 3.20 -43.66 -47.76
N ILE A 1006 2.00 -43.33 -48.24
CA ILE A 1006 0.90 -42.95 -47.36
C ILE A 1006 0.37 -44.20 -46.67
N GLN A 1007 0.79 -44.41 -45.42
CA GLN A 1007 0.35 -45.58 -44.67
C GLN A 1007 -1.07 -45.44 -44.12
N LYS A 1008 -1.66 -44.25 -44.17
CA LYS A 1008 -3.01 -43.99 -43.71
C LYS A 1008 -3.44 -42.61 -44.19
N LEU A 1009 -4.70 -42.50 -44.60
CA LEU A 1009 -5.23 -41.22 -45.06
C LEU A 1009 -6.70 -41.16 -44.64
N ILE A 1010 -6.99 -40.33 -43.64
CA ILE A 1010 -8.31 -40.26 -43.03
C ILE A 1010 -8.83 -38.84 -43.22
N GLU A 1011 -9.84 -38.68 -44.07
CA GLU A 1011 -10.46 -37.37 -44.24
C GLU A 1011 -11.23 -36.97 -42.98
N THR A 1012 -11.25 -35.67 -42.71
CA THR A 1012 -11.93 -35.12 -41.55
C THR A 1012 -13.24 -34.43 -41.92
N ARG A 1013 -13.96 -34.99 -42.92
CA ARG A 1013 -15.22 -34.42 -43.37
C ARG A 1013 -16.29 -34.38 -42.28
N THR A 1014 -16.12 -35.14 -41.20
CA THR A 1014 -17.08 -35.15 -40.09
C THR A 1014 -17.15 -33.80 -39.39
N ALA A 1022 -20.58 -28.99 -40.01
CA ALA A 1022 -20.53 -27.66 -39.41
C ALA A 1022 -19.27 -26.91 -39.84
N PHE A 1023 -18.29 -26.83 -38.94
CA PHE A 1023 -17.03 -26.14 -39.20
C PHE A 1023 -16.16 -26.84 -40.25
N SER A 1024 -16.60 -27.95 -40.82
CA SER A 1024 -15.81 -28.75 -41.77
C SER A 1024 -15.53 -28.04 -43.09
N ASP A 1025 -16.02 -26.82 -43.29
CA ASP A 1025 -15.74 -26.04 -44.49
C ASP A 1025 -14.44 -25.26 -44.39
N SER A 1026 -13.53 -25.64 -43.50
CA SER A 1026 -12.29 -24.92 -43.22
C SER A 1026 -11.09 -25.81 -43.55
N ASN A 1027 -9.91 -25.35 -43.17
CA ASN A 1027 -8.65 -26.04 -43.42
C ASN A 1027 -8.04 -26.48 -42.09
N ILE A 1028 -6.82 -27.01 -42.14
CA ILE A 1028 -6.15 -27.56 -40.98
C ILE A 1028 -4.87 -26.76 -40.72
N ILE A 1029 -4.55 -26.57 -39.43
CA ILE A 1029 -3.40 -25.77 -39.02
C ILE A 1029 -2.25 -26.65 -38.54
N THR A 1030 -2.46 -27.42 -37.46
CA THR A 1030 -1.40 -28.22 -36.89
C THR A 1030 -1.99 -29.47 -36.27
N VAL A 1031 -1.21 -30.56 -36.27
CA VAL A 1031 -1.52 -31.78 -35.54
C VAL A 1031 -0.42 -32.02 -34.51
N VAL A 1032 -0.77 -32.72 -33.44
CA VAL A 1032 0.16 -33.08 -32.37
C VAL A 1032 -0.14 -34.50 -31.93
N VAL A 1033 0.90 -35.29 -31.68
CA VAL A 1033 0.77 -36.70 -31.35
C VAL A 1033 1.45 -36.97 -30.01
N ASP A 1034 0.66 -37.06 -28.95
CA ASP A 1034 1.09 -37.62 -27.69
C ASP A 1034 0.51 -39.01 -27.45
N THR A 1035 -0.81 -39.14 -27.52
CA THR A 1035 -1.49 -40.42 -27.58
C THR A 1035 -2.51 -40.51 -28.70
N ALA A 1036 -2.97 -39.38 -29.23
CA ALA A 1036 -3.83 -39.30 -30.39
C ALA A 1036 -3.48 -38.01 -31.11
N LEU A 1037 -4.35 -37.58 -32.04
CA LEU A 1037 -4.09 -36.39 -32.84
C LEU A 1037 -5.08 -35.29 -32.44
N TYR A 1038 -4.62 -34.35 -31.62
CA TYR A 1038 -5.41 -33.16 -31.33
C TYR A 1038 -5.21 -32.20 -32.49
N ILE A 1039 -6.21 -32.09 -33.36
CA ILE A 1039 -6.11 -31.35 -34.61
C ILE A 1039 -6.88 -30.04 -34.47
N ALA A 1040 -6.21 -28.94 -34.76
CA ALA A 1040 -6.85 -27.63 -34.73
C ALA A 1040 -7.37 -27.28 -36.12
N LYS A 1041 -7.98 -26.09 -36.24
CA LYS A 1041 -8.46 -25.54 -37.49
C LYS A 1041 -8.91 -24.11 -37.25
N GLN A 1042 -8.76 -23.28 -38.29
CA GLN A 1042 -9.00 -21.84 -38.15
C GLN A 1042 -10.49 -21.55 -37.95
N ASN A 1043 -10.75 -20.46 -37.23
CA ASN A 1043 -12.10 -19.94 -36.97
C ASN A 1043 -12.97 -20.98 -36.26
N SER A 1044 -12.36 -21.79 -35.40
CA SER A 1044 -13.05 -22.88 -34.73
C SER A 1044 -12.99 -22.73 -33.23
N PRO A 1045 -14.13 -22.63 -32.53
CA PRO A 1045 -14.12 -22.69 -31.07
C PRO A 1045 -13.97 -24.09 -30.51
N VAL A 1046 -13.72 -25.09 -31.37
CA VAL A 1046 -13.60 -26.48 -30.96
C VAL A 1046 -12.33 -27.06 -31.57
N VAL A 1047 -11.76 -28.06 -30.89
CA VAL A 1047 -10.62 -28.82 -31.39
C VAL A 1047 -10.95 -30.30 -31.31
N GLU A 1048 -10.79 -31.01 -32.41
CA GLU A 1048 -11.18 -32.41 -32.49
C GLU A 1048 -10.08 -33.31 -31.96
N VAL A 1049 -10.44 -34.58 -31.73
CA VAL A 1049 -9.52 -35.59 -31.22
C VAL A 1049 -9.71 -36.88 -32.01
N TRP A 1050 -8.79 -37.15 -32.94
CA TRP A 1050 -8.79 -38.40 -33.70
C TRP A 1050 -7.60 -39.25 -33.28
N ASP A 1051 -7.84 -40.55 -33.15
CA ASP A 1051 -6.84 -41.48 -32.64
C ASP A 1051 -6.07 -42.15 -33.78
N LYS A 1052 -4.80 -42.44 -33.52
CA LYS A 1052 -3.91 -43.04 -34.50
C LYS A 1052 -4.02 -44.56 -34.58
N LYS A 1053 -4.93 -45.17 -33.81
CA LYS A 1053 -5.07 -46.62 -33.81
C LYS A 1053 -6.45 -47.09 -34.22
N THR A 1054 -7.52 -46.43 -33.77
CA THR A 1054 -8.87 -46.77 -34.19
C THR A 1054 -9.40 -45.85 -35.30
N GLU A 1055 -8.78 -44.68 -35.48
CA GLU A 1055 -9.13 -43.74 -36.55
C GLU A 1055 -10.60 -43.31 -36.45
N LYS A 1056 -10.99 -42.85 -35.27
CA LYS A 1056 -12.35 -42.39 -35.05
C LYS A 1056 -12.33 -41.26 -34.03
N LEU A 1057 -13.36 -40.43 -34.07
CA LEU A 1057 -13.49 -39.32 -33.13
C LEU A 1057 -13.74 -39.86 -31.73
N CYS A 1058 -13.12 -39.23 -30.74
CA CYS A 1058 -13.31 -39.60 -29.33
C CYS A 1058 -14.01 -38.51 -28.53
N GLY A 1059 -13.52 -37.28 -28.60
CA GLY A 1059 -14.13 -36.19 -27.86
C GLY A 1059 -13.96 -34.87 -28.58
N LEU A 1060 -14.78 -33.90 -28.20
CA LEU A 1060 -14.76 -32.57 -28.79
C LEU A 1060 -14.52 -31.57 -27.66
N ILE A 1061 -13.27 -31.16 -27.49
CA ILE A 1061 -12.91 -30.26 -26.41
C ILE A 1061 -13.16 -28.81 -26.82
N ASP A 1062 -14.38 -28.33 -26.53
CA ASP A 1062 -14.76 -26.97 -26.89
C ASP A 1062 -13.89 -25.96 -26.15
N CYS A 1063 -13.64 -24.83 -26.81
CA CYS A 1063 -12.84 -23.74 -26.24
C CYS A 1063 -13.71 -22.60 -25.72
N VAL A 1064 -14.66 -22.12 -26.52
CA VAL A 1064 -15.55 -21.04 -26.07
C VAL A 1064 -16.41 -21.50 -24.90
N HIS A 1065 -16.76 -22.79 -24.85
CA HIS A 1065 -17.48 -23.32 -23.69
C HIS A 1065 -16.64 -23.20 -22.43
N PHE A 1066 -15.35 -23.53 -22.52
CA PHE A 1066 -14.43 -23.35 -21.40
C PHE A 1066 -14.26 -21.88 -21.03
N LEU A 1067 -14.28 -20.99 -22.03
CA LEU A 1067 -14.18 -19.56 -21.80
C LEU A 1067 -15.52 -18.88 -21.55
N ARG A 1068 -16.60 -19.64 -21.40
CA ARG A 1068 -17.92 -19.06 -21.20
C ARG A 1068 -18.08 -18.34 -19.86
N GLU A 1069 -17.10 -18.43 -18.96
CA GLU A 1069 -17.15 -17.78 -17.66
C GLU A 1069 -15.87 -16.99 -17.39
N VAL A 1070 -15.41 -16.23 -18.39
CA VAL A 1070 -14.22 -15.41 -18.19
C VAL A 1070 -14.65 -13.96 -17.96
N THR A 1071 -15.73 -13.54 -18.62
CA THR A 1071 -16.22 -12.17 -18.46
C THR A 1071 -17.49 -12.14 -17.63
N SER A 1083 -20.09 -14.32 -30.45
CA SER A 1083 -19.73 -12.94 -30.19
C SER A 1083 -18.36 -12.84 -29.53
N TYR A 1084 -17.64 -13.96 -29.50
CA TYR A 1084 -16.33 -14.03 -28.89
C TYR A 1084 -15.30 -14.47 -29.93
N SER A 1085 -14.04 -14.12 -29.67
CA SER A 1085 -12.93 -14.57 -30.51
C SER A 1085 -12.29 -15.84 -29.95
N GLY A 1086 -13.11 -16.87 -29.75
CA GLY A 1086 -12.65 -18.12 -29.16
C GLY A 1086 -11.99 -19.06 -30.14
N ARG A 1087 -11.38 -18.52 -31.19
CA ARG A 1087 -10.69 -19.33 -32.18
C ARG A 1087 -9.41 -19.92 -31.59
N VAL A 1088 -8.76 -20.79 -32.37
CA VAL A 1088 -7.49 -21.40 -31.99
C VAL A 1088 -6.48 -21.16 -33.13
N LYS A 1089 -5.71 -20.09 -33.00
CA LYS A 1089 -4.73 -19.75 -34.03
C LYS A 1089 -3.44 -20.56 -33.91
N THR A 1090 -3.26 -21.30 -32.83
CA THR A 1090 -2.06 -22.10 -32.62
C THR A 1090 -2.34 -23.11 -31.51
N LEU A 1091 -1.56 -24.19 -31.52
CA LEU A 1091 -1.78 -25.30 -30.60
C LEU A 1091 -0.45 -26.01 -30.40
N CYS A 1092 0.19 -25.78 -29.26
CA CYS A 1092 1.45 -26.41 -28.91
C CYS A 1092 1.25 -27.43 -27.80
N LEU A 1093 2.15 -28.41 -27.75
CA LEU A 1093 2.07 -29.51 -26.80
C LEU A 1093 3.33 -29.55 -25.93
N GLN A 1094 3.13 -29.73 -24.63
CA GLN A 1094 4.22 -30.00 -23.72
C GLN A 1094 4.71 -31.43 -23.93
N LYS A 1095 5.70 -31.85 -23.13
CA LYS A 1095 6.23 -33.21 -23.29
C LYS A 1095 5.25 -34.26 -22.79
N ASN A 1096 4.91 -34.23 -21.49
CA ASN A 1096 4.02 -35.25 -20.94
C ASN A 1096 3.11 -34.73 -19.84
N THR A 1097 2.73 -33.45 -19.89
CA THR A 1097 1.88 -32.91 -18.83
C THR A 1097 0.52 -32.48 -19.34
N ALA A 1098 0.44 -31.57 -20.31
CA ALA A 1098 -0.82 -30.91 -20.62
C ALA A 1098 -0.70 -30.13 -21.92
N LEU A 1099 -1.86 -29.81 -22.49
CA LEU A 1099 -1.95 -29.01 -23.71
C LEU A 1099 -1.64 -27.54 -23.42
N TRP A 1100 -1.41 -26.80 -24.51
CA TRP A 1100 -1.17 -25.34 -24.45
C TRP A 1100 -1.92 -24.76 -25.65
N ILE A 1101 -3.15 -24.34 -25.43
CA ILE A 1101 -3.99 -23.78 -26.49
C ILE A 1101 -3.76 -22.28 -26.55
N GLY A 1102 -3.53 -21.77 -27.76
CA GLY A 1102 -3.36 -20.34 -27.97
C GLY A 1102 -4.51 -19.73 -28.75
N THR A 1103 -5.33 -18.93 -28.08
CA THR A 1103 -6.55 -18.38 -28.66
C THR A 1103 -6.33 -16.96 -29.16
N GLY A 1104 -6.75 -16.70 -30.40
CA GLY A 1104 -6.66 -15.37 -30.98
C GLY A 1104 -7.35 -14.27 -30.21
N GLY A 1105 -8.25 -14.61 -29.29
CA GLY A 1105 -8.85 -13.60 -28.43
C GLY A 1105 -7.91 -12.99 -27.41
N GLY A 1106 -6.70 -13.53 -27.27
CA GLY A 1106 -5.75 -13.04 -26.29
C GLY A 1106 -5.79 -13.81 -25.00
N HIS A 1107 -5.77 -15.14 -25.09
CA HIS A 1107 -5.87 -16.00 -23.91
C HIS A 1107 -5.04 -17.25 -24.13
N ILE A 1108 -4.02 -17.45 -23.31
CA ILE A 1108 -3.41 -18.77 -23.18
C ILE A 1108 -4.38 -19.68 -22.45
N LEU A 1109 -4.50 -20.92 -22.90
CA LEU A 1109 -5.44 -21.88 -22.32
C LEU A 1109 -4.66 -23.14 -21.97
N LEU A 1110 -4.33 -23.29 -20.69
CA LEU A 1110 -3.53 -24.42 -20.21
C LEU A 1110 -4.37 -25.66 -19.99
N LEU A 1111 -5.09 -26.10 -21.02
CA LEU A 1111 -5.86 -27.34 -20.93
C LEU A 1111 -4.99 -28.52 -20.51
N ASP A 1112 -5.52 -29.34 -19.62
CA ASP A 1112 -4.78 -30.48 -19.10
C ASP A 1112 -5.09 -31.70 -19.98
N LEU A 1113 -4.66 -32.89 -19.53
CA LEU A 1113 -4.56 -34.05 -20.40
C LEU A 1113 -5.47 -35.20 -19.99
N SER A 1114 -5.86 -35.31 -18.71
CA SER A 1114 -6.52 -36.50 -18.17
C SER A 1114 -7.79 -36.87 -18.92
N THR A 1115 -8.86 -36.08 -18.78
CA THR A 1115 -9.95 -36.13 -19.75
C THR A 1115 -10.19 -34.77 -20.38
N ARG A 1116 -10.64 -33.78 -19.60
CA ARG A 1116 -10.75 -32.41 -20.10
C ARG A 1116 -10.50 -31.35 -19.03
N ARG A 1117 -10.13 -31.74 -17.81
CA ARG A 1117 -10.12 -30.84 -16.64
C ARG A 1117 -9.21 -29.64 -16.81
N LEU A 1118 -9.79 -28.44 -16.92
CA LEU A 1118 -9.04 -27.20 -16.98
C LEU A 1118 -8.17 -27.05 -15.72
N ILE A 1119 -7.08 -26.29 -15.86
CA ILE A 1119 -6.21 -26.00 -14.73
C ILE A 1119 -6.21 -24.51 -14.37
N ARG A 1120 -6.30 -23.63 -15.37
CA ARG A 1120 -6.38 -22.17 -15.18
C ARG A 1120 -6.76 -21.60 -16.55
N VAL A 1121 -6.75 -20.28 -16.67
CA VAL A 1121 -6.76 -19.60 -17.96
C VAL A 1121 -6.07 -18.25 -17.78
N ILE A 1122 -5.23 -17.91 -18.76
CA ILE A 1122 -4.42 -16.70 -18.71
C ILE A 1122 -5.08 -15.65 -19.59
N TYR A 1123 -5.06 -14.40 -19.14
CA TYR A 1123 -5.78 -13.33 -19.82
C TYR A 1123 -5.20 -11.99 -19.41
N ASN A 1124 -5.71 -10.93 -20.03
CA ASN A 1124 -5.49 -9.54 -19.64
C ASN A 1124 -4.04 -9.09 -19.80
N PHE A 1125 -3.25 -9.79 -20.62
CA PHE A 1125 -1.90 -9.33 -20.93
C PHE A 1125 -1.67 -9.08 -22.41
N CYS A 1126 -2.36 -9.79 -23.30
CA CYS A 1126 -2.23 -9.53 -24.73
C CYS A 1126 -3.60 -9.34 -25.37
N ASN A 1127 -3.63 -9.25 -26.70
CA ASN A 1127 -4.88 -9.24 -27.45
C ASN A 1127 -5.03 -10.42 -28.41
N SER A 1128 -3.94 -11.10 -28.75
CA SER A 1128 -4.00 -12.28 -29.61
C SER A 1128 -2.74 -13.11 -29.39
N VAL A 1129 -2.68 -14.26 -30.04
CA VAL A 1129 -1.54 -15.17 -29.97
C VAL A 1129 -1.28 -15.69 -31.38
N ARG A 1130 -0.25 -15.15 -32.03
CA ARG A 1130 0.00 -15.47 -33.44
C ARG A 1130 0.57 -16.87 -33.62
N VAL A 1131 1.79 -17.10 -33.14
CA VAL A 1131 2.48 -18.39 -33.30
C VAL A 1131 3.16 -18.73 -31.99
N MET A 1132 3.06 -20.00 -31.58
CA MET A 1132 3.66 -20.49 -30.34
C MET A 1132 4.54 -21.69 -30.65
N MET A 1133 5.67 -21.77 -29.96
CA MET A 1133 6.57 -22.93 -30.10
C MET A 1133 7.27 -23.15 -28.76
N THR A 1134 8.33 -23.96 -28.79
CA THR A 1134 9.06 -24.34 -27.59
C THR A 1134 10.54 -24.43 -27.94
N ALA A 1135 11.38 -23.76 -27.15
CA ALA A 1135 12.79 -23.64 -27.48
C ALA A 1135 13.63 -23.88 -26.23
N GLN A 1136 14.92 -23.57 -26.34
CA GLN A 1136 15.88 -23.63 -25.24
C GLN A 1136 16.37 -22.22 -24.93
N LEU A 1137 17.04 -22.07 -23.79
CA LEU A 1137 17.42 -20.74 -23.31
C LEU A 1137 18.55 -20.87 -22.30
N GLY A 1138 19.70 -20.26 -22.61
CA GLY A 1138 20.83 -20.20 -21.71
C GLY A 1138 21.32 -21.54 -21.22
N SER A 1139 21.61 -22.45 -22.15
CA SER A 1139 22.11 -23.81 -21.89
C SER A 1139 21.12 -24.68 -21.13
N LEU A 1140 19.92 -24.18 -20.87
CA LEU A 1140 18.89 -24.91 -20.15
C LEU A 1140 17.60 -24.91 -20.93
N LYS A 1141 16.86 -26.01 -20.82
CA LYS A 1141 15.59 -26.17 -21.52
C LYS A 1141 14.46 -25.44 -20.79
N ASN A 1142 13.22 -25.80 -21.11
CA ASN A 1142 12.02 -25.31 -20.43
C ASN A 1142 11.78 -23.82 -20.60
N VAL A 1143 11.47 -23.39 -21.82
CA VAL A 1143 10.84 -22.10 -22.09
C VAL A 1143 9.77 -22.30 -23.16
N MET A 1144 8.80 -21.38 -23.19
CA MET A 1144 7.64 -21.50 -24.08
C MET A 1144 7.28 -20.10 -24.60
N LEU A 1145 7.82 -19.76 -25.77
CA LEU A 1145 7.56 -18.45 -26.37
C LEU A 1145 6.07 -18.31 -26.71
N VAL A 1146 5.63 -17.05 -26.78
CA VAL A 1146 4.26 -16.66 -27.15
C VAL A 1146 4.33 -15.28 -27.77
N LEU A 1147 3.68 -15.08 -28.91
CA LEU A 1147 3.77 -13.85 -29.69
C LEU A 1147 2.45 -13.09 -29.59
N GLY A 1148 2.37 -12.18 -28.63
CA GLY A 1148 1.13 -11.47 -28.38
C GLY A 1148 0.97 -10.27 -29.31
N TYR A 1149 -0.26 -10.08 -29.79
CA TYR A 1149 -0.63 -8.95 -30.61
C TYR A 1149 -1.29 -7.85 -29.78
N ASN A 1150 -1.23 -6.63 -30.29
CA ASN A 1150 -1.90 -5.48 -29.67
C ASN A 1150 -2.70 -4.78 -30.77
N ARG A 1151 -3.97 -5.19 -30.92
CA ARG A 1151 -4.84 -4.62 -31.95
C ARG A 1151 -6.31 -4.89 -31.61
N LYS A 1161 -5.55 2.29 -33.94
CA LYS A 1161 -5.06 0.93 -33.83
C LYS A 1161 -3.57 0.85 -34.17
N GLU A 1162 -2.73 0.78 -33.13
CA GLU A 1162 -1.30 0.69 -33.28
C GLU A 1162 -0.86 -0.74 -32.97
N ILE A 1163 -0.19 -1.37 -33.92
CA ILE A 1163 0.17 -2.78 -33.80
C ILE A 1163 1.45 -2.89 -32.98
N GLN A 1164 1.39 -3.63 -31.88
CA GLN A 1164 2.54 -3.92 -31.03
C GLN A 1164 2.60 -5.42 -30.80
N SER A 1165 3.75 -6.02 -31.12
CA SER A 1165 3.90 -7.47 -31.07
C SER A 1165 4.93 -7.82 -29.99
N CYS A 1166 4.44 -7.98 -28.76
CA CYS A 1166 5.27 -8.46 -27.66
C CYS A 1166 5.79 -9.86 -27.95
N LEU A 1167 6.90 -10.21 -27.31
CA LEU A 1167 7.51 -11.54 -27.43
C LEU A 1167 7.78 -12.05 -26.01
N THR A 1168 6.78 -12.66 -25.40
CA THR A 1168 6.92 -13.12 -24.03
C THR A 1168 7.80 -14.38 -23.97
N VAL A 1169 8.12 -14.81 -22.75
CA VAL A 1169 8.89 -16.02 -22.51
C VAL A 1169 8.30 -16.69 -21.27
N TRP A 1170 7.75 -17.89 -21.43
CA TRP A 1170 7.09 -18.59 -20.34
C TRP A 1170 7.86 -19.85 -19.98
N ASP A 1171 8.16 -20.01 -18.70
CA ASP A 1171 8.66 -21.28 -18.18
C ASP A 1171 7.60 -22.36 -18.42
N ILE A 1172 8.07 -23.57 -18.77
CA ILE A 1172 7.12 -24.65 -19.08
C ILE A 1172 6.69 -25.43 -17.85
N ASN A 1173 7.18 -25.08 -16.66
CA ASN A 1173 6.72 -25.67 -15.42
C ASN A 1173 5.44 -25.05 -14.89
N LEU A 1174 4.68 -24.36 -15.75
CA LEU A 1174 3.48 -23.66 -15.31
C LEU A 1174 2.37 -24.56 -14.76
N PRO A 1175 2.02 -25.74 -15.35
CA PRO A 1175 0.97 -26.57 -14.75
C PRO A 1175 1.23 -26.97 -13.29
N HIS A 1176 2.39 -27.59 -13.03
CA HIS A 1176 2.70 -27.96 -11.66
C HIS A 1176 2.92 -26.75 -10.76
N GLU A 1177 2.98 -25.54 -11.32
CA GLU A 1177 3.03 -24.34 -10.51
C GLU A 1177 1.61 -24.03 -10.06
N VAL A 1178 0.70 -23.87 -11.03
CA VAL A 1178 -0.68 -23.49 -10.73
C VAL A 1178 -1.31 -24.54 -9.81
N GLN A 1179 -0.76 -25.76 -9.80
CA GLN A 1179 -1.23 -26.75 -8.84
C GLN A 1179 -0.55 -26.58 -7.48
N ASN A 1180 0.79 -26.62 -7.45
CA ASN A 1180 1.53 -26.56 -6.19
C ASN A 1180 1.17 -25.33 -5.36
N LEU A 1181 1.27 -24.14 -5.95
CA LEU A 1181 0.93 -22.91 -5.22
C LEU A 1181 -0.52 -22.87 -4.76
N GLU A 1182 -1.43 -23.53 -5.48
CA GLU A 1182 -2.82 -23.58 -5.05
C GLU A 1182 -3.01 -24.55 -3.89
N LYS A 1183 -2.24 -25.62 -3.86
CA LYS A 1183 -2.28 -26.49 -2.69
C LYS A 1183 -1.64 -25.81 -1.50
N HIS A 1184 -0.56 -25.06 -1.72
CA HIS A 1184 0.12 -24.34 -0.65
C HIS A 1184 -0.84 -23.36 0.02
N ILE A 1185 -1.39 -22.43 -0.78
CA ILE A 1185 -2.38 -21.48 -0.28
C ILE A 1185 -3.58 -22.21 0.35
N GLU A 1186 -3.88 -23.43 -0.10
CA GLU A 1186 -4.98 -24.15 0.53
C GLU A 1186 -4.57 -24.68 1.91
N VAL A 1187 -3.29 -25.02 2.07
CA VAL A 1187 -2.81 -25.53 3.36
C VAL A 1187 -2.84 -24.42 4.39
N ARG A 1188 -2.10 -23.34 4.14
CA ARG A 1188 -1.99 -22.35 5.23
C ARG A 1188 -3.25 -21.55 5.50
N LYS A 1189 -4.37 -21.80 4.82
CA LYS A 1189 -5.61 -21.12 5.19
C LYS A 1189 -6.54 -22.02 5.98
N GLU A 1190 -6.08 -23.22 6.34
CA GLU A 1190 -6.71 -23.94 7.43
C GLU A 1190 -6.01 -23.61 8.74
N LEU A 1191 -4.73 -23.26 8.67
CA LEU A 1191 -4.01 -22.81 9.85
C LEU A 1191 -4.40 -21.38 10.21
N ALA A 1192 -4.53 -20.50 9.21
CA ALA A 1192 -4.91 -19.13 9.51
C ALA A 1192 -6.27 -19.01 10.18
N GLU A 1193 -7.07 -20.08 10.17
CA GLU A 1193 -8.33 -20.11 10.91
C GLU A 1193 -8.28 -20.99 12.15
N LYS A 1194 -7.43 -22.03 12.17
CA LYS A 1194 -7.29 -22.84 13.37
C LYS A 1194 -6.59 -22.07 14.47
N MET A 1195 -5.54 -21.33 14.13
CA MET A 1195 -4.84 -20.54 15.15
C MET A 1195 -5.72 -19.39 15.61
N ARG A 1196 -6.33 -18.68 14.67
CA ARG A 1196 -7.13 -17.50 14.99
C ARG A 1196 -8.33 -17.86 15.87
N ARG A 1197 -8.99 -19.00 15.59
CA ARG A 1197 -10.19 -19.36 16.34
C ARG A 1197 -9.91 -19.62 17.82
N THR A 1198 -8.65 -19.90 18.19
CA THR A 1198 -8.32 -20.05 19.59
C THR A 1198 -8.33 -18.71 20.32
N SER A 1199 -7.95 -17.63 19.63
CA SER A 1199 -7.91 -16.31 20.25
C SER A 1199 -9.30 -15.81 20.63
N VAL A 1200 -10.33 -16.22 19.90
CA VAL A 1200 -11.70 -15.88 20.28
C VAL A 1200 -12.17 -16.75 21.44
N GLU A 1201 -11.81 -18.03 21.42
CA GLU A 1201 -12.18 -18.95 22.48
C GLU A 1201 -11.53 -18.58 23.82
PB GDP B . -20.91 34.65 20.81
O1B GDP B . -21.49 34.33 19.46
O2B GDP B . -20.93 33.41 21.68
O3B GDP B . -19.49 35.13 20.64
O3A GDP B . -21.79 35.80 21.51
PA GDP B . -21.84 37.25 20.80
O1A GDP B . -22.33 37.13 19.39
O2A GDP B . -20.48 37.90 20.85
O5' GDP B . -22.89 38.09 21.70
C5' GDP B . -23.25 39.41 21.28
C4' GDP B . -24.38 39.94 22.16
O4' GDP B . -23.84 40.48 23.36
C3' GDP B . -25.15 41.05 21.48
O3' GDP B . -26.44 40.57 21.07
C2' GDP B . -25.29 42.15 22.50
O2' GDP B . -26.67 42.38 22.80
C1' GDP B . -24.57 41.65 23.74
N9 GDP B . -23.64 42.70 24.24
C8 GDP B . -22.45 43.01 23.69
N7 GDP B . -21.84 44.01 24.37
C5 GDP B . -22.65 44.37 25.39
C6 GDP B . -22.62 45.35 26.49
O6 GDP B . -21.64 46.11 26.64
N1 GDP B . -23.66 45.38 27.33
C2 GDP B . -24.71 44.57 27.21
N2 GDP B . -25.73 44.68 28.10
N3 GDP B . -24.82 43.64 26.21
C4 GDP B . -23.83 43.49 25.30
C1 TVT C . 14.87 -10.71 15.33
N1 TVT C . 15.27 -11.66 16.34
C2 TVT C . 15.03 -13.07 16.16
N2 TVT C . 15.80 -13.79 15.37
C3 TVT C . 15.60 -15.09 15.19
N3 TVT C . 16.43 -15.89 14.32
C4 TVT C . 17.87 -15.84 14.14
N4 TVT C . 19.91 -16.56 14.04
C5 TVT C . 18.69 -16.94 14.28
N5 TVT C . 19.94 -15.25 13.72
C6 TVT C . 18.70 -14.78 13.76
N6 TVT C . 20.31 -19.97 14.29
C7 TVT C . 18.32 -13.33 13.45
N7 TVT C . 14.59 -15.69 15.81
C8 TVT C . 21.07 -17.42 14.09
C9 TVT C . 21.94 -17.04 15.29
C10 TVT C . 21.89 -17.25 12.81
C11 TVT C . 20.64 -18.88 14.21
C12 TVT C . 13.78 -15.04 16.61
C13 TVT C . 13.98 -13.69 16.81
C14 TVT C . 13.07 -12.88 17.72
F1 TVT C . 13.78 -11.84 18.24
F2 TVT C . 12.03 -12.40 17.00
F3 TVT C . 12.60 -13.66 18.73
#